data_3RKU
#
_entry.id   3RKU
#
_cell.length_a   82.390
_cell.length_b   87.250
_cell.length_c   83.810
_cell.angle_alpha   90.000
_cell.angle_beta   112.980
_cell.angle_gamma   90.000
#
_symmetry.space_group_name_H-M   'P 1 21 1'
#
loop_
_entity.id
_entity.type
_entity.pdbx_description
1 polymer 'Oxidoreductase YMR226C'
2 non-polymer 'NADP NICOTINAMIDE-ADENINE-DINUCLEOTIDE PHOSPHATE'
3 water water
#
_entity_poly.entity_id   1
_entity_poly.type   'polypeptide(L)'
_entity_poly.pdbx_seq_one_letter_code
;MGSSHHHHHHSSFLVPRGSHMSQGRKAAERLAKKTVLITGASAGIGKATALEYLEASNGDMKLILAARRLEKLEELKKTI
DQEFPNAKVHVAQLDITQAEKIKPFIENLPQEFKDIDILVNNAGKALGSDRVGQIATEDIQDVFDTNVTALINITQAVLP
IFQAKNSGDIVNLGSIAGRDAYPTGSIYCASKFAVGAFTDSLRKELINTKIRVILIAPGLVETEFSLVRYRGNEEQAKNV
YKDTTPLMADDVADLIVYATSRKQNTVIADTLIFPTNQASPHHIFRG
;
_entity_poly.pdbx_strand_id   A,B,C,D
#
loop_
_chem_comp.id
_chem_comp.type
_chem_comp.name
_chem_comp.formula
NAP non-polymer 'NADP NICOTINAMIDE-ADENINE-DINUCLEOTIDE PHOSPHATE' 'C21 H28 N7 O17 P3'
#
# COMPACT_ATOMS: atom_id res chain seq x y z
N HIS A 20 -23.86 27.24 -19.19
CA HIS A 20 -22.72 26.77 -18.39
C HIS A 20 -23.02 25.55 -17.50
N MET A 21 -22.93 24.35 -18.05
CA MET A 21 -23.12 23.14 -17.24
C MET A 21 -22.15 22.05 -17.68
N SER A 22 -20.88 22.31 -17.51
CA SER A 22 -19.82 21.44 -18.03
C SER A 22 -20.00 19.96 -17.67
N GLN A 23 -20.79 19.66 -16.65
CA GLN A 23 -20.88 18.29 -16.18
C GLN A 23 -22.30 17.74 -16.19
N GLY A 24 -23.18 18.44 -16.89
CA GLY A 24 -24.56 18.01 -16.97
C GLY A 24 -25.48 18.65 -15.96
N ARG A 25 -26.77 18.52 -16.19
CA ARG A 25 -27.77 19.23 -15.42
C ARG A 25 -27.77 18.80 -13.96
N LYS A 26 -27.85 17.50 -13.74
CA LYS A 26 -27.97 16.98 -12.39
C LYS A 26 -26.81 17.47 -11.47
N ALA A 27 -25.59 17.47 -12.00
CA ALA A 27 -24.44 17.96 -11.26
C ALA A 27 -24.57 19.47 -10.92
N ALA A 28 -24.96 20.26 -11.91
CA ALA A 28 -25.28 21.65 -11.64
C ALA A 28 -26.32 21.82 -10.55
N GLU A 29 -27.40 21.03 -10.59
CA GLU A 29 -28.41 21.13 -9.55
C GLU A 29 -27.77 20.88 -8.21
N ARG A 30 -26.91 19.87 -8.13
CA ARG A 30 -26.38 19.48 -6.83
C ARG A 30 -25.39 20.52 -6.27
N LEU A 31 -24.74 21.27 -7.17
CA LEU A 31 -23.77 22.28 -6.78
C LEU A 31 -24.40 23.63 -6.45
N ALA A 32 -25.58 23.88 -6.98
CA ALA A 32 -26.12 25.23 -6.96
C ALA A 32 -26.18 25.82 -5.54
N LYS A 33 -25.73 27.07 -5.43
CA LYS A 33 -25.90 27.82 -4.20
C LYS A 33 -24.99 27.36 -3.07
N LYS A 34 -24.20 26.32 -3.29
CA LYS A 34 -23.26 25.88 -2.27
C LYS A 34 -22.09 26.87 -2.11
N THR A 35 -21.44 26.82 -0.95
CA THR A 35 -20.29 27.67 -0.67
C THR A 35 -19.01 26.85 -0.67
N VAL A 36 -18.07 27.22 -1.52
CA VAL A 36 -16.78 26.52 -1.56
C VAL A 36 -15.63 27.36 -1.01
N LEU A 37 -14.83 26.77 -0.13
CA LEU A 37 -13.62 27.43 0.32
C LEU A 37 -12.41 26.76 -0.33
N ILE A 38 -11.62 27.54 -1.06
CA ILE A 38 -10.48 27.02 -1.79
C ILE A 38 -9.16 27.64 -1.35
N THR A 39 -8.25 26.80 -0.87
CA THR A 39 -6.91 27.28 -0.56
C THR A 39 -5.94 27.12 -1.74
N GLY A 40 -5.06 28.10 -1.93
CA GLY A 40 -4.20 28.15 -3.09
C GLY A 40 -5.01 28.54 -4.31
N ALA A 41 -5.87 29.54 -4.16
CA ALA A 41 -6.73 29.93 -5.27
C ALA A 41 -6.02 30.85 -6.26
N SER A 42 -4.84 31.33 -5.94
CA SER A 42 -4.19 32.36 -6.75
C SER A 42 -3.56 31.80 -8.04
N ALA A 43 -3.39 30.47 -8.10
CA ALA A 43 -2.76 29.87 -9.28
C ALA A 43 -3.06 28.39 -9.37
N GLY A 44 -2.60 27.80 -10.47
CA GLY A 44 -2.63 26.36 -10.62
C GLY A 44 -3.98 25.70 -10.41
N ILE A 45 -3.99 24.61 -9.65
CA ILE A 45 -5.20 23.80 -9.51
C ILE A 45 -6.31 24.51 -8.74
N GLY A 46 -5.94 25.22 -7.69
CA GLY A 46 -6.87 26.02 -6.90
C GLY A 46 -7.66 27.00 -7.77
N LYS A 47 -6.92 27.81 -8.52
CA LYS A 47 -7.50 28.73 -9.48
C LYS A 47 -8.39 28.04 -10.53
N ALA A 48 -7.86 26.98 -11.15
CA ALA A 48 -8.67 26.20 -12.09
C ALA A 48 -9.96 25.70 -11.46
N THR A 49 -9.87 25.33 -10.18
CA THR A 49 -11.00 24.71 -9.50
C THR A 49 -12.11 25.70 -9.25
N ALA A 50 -11.75 26.92 -8.85
CA ALA A 50 -12.73 28.01 -8.74
C ALA A 50 -13.50 28.19 -10.08
N LEU A 51 -12.74 28.34 -11.17
CA LEU A 51 -13.35 28.45 -12.48
C LEU A 51 -14.24 27.28 -12.85
N GLU A 52 -13.77 26.06 -12.61
CA GLU A 52 -14.53 24.88 -13.01
C GLU A 52 -15.83 24.75 -12.21
N TYR A 53 -15.80 25.08 -10.93
CA TYR A 53 -17.01 25.08 -10.13
C TYR A 53 -18.08 25.95 -10.81
N LEU A 54 -17.67 27.09 -11.34
CA LEU A 54 -18.66 27.95 -11.98
C LEU A 54 -19.09 27.35 -13.31
N GLU A 55 -18.18 26.79 -14.08
CA GLU A 55 -18.55 26.14 -15.35
C GLU A 55 -19.60 25.05 -15.19
N ALA A 56 -19.58 24.40 -14.03
CA ALA A 56 -20.43 23.22 -13.77
C ALA A 56 -21.77 23.53 -13.09
N SER A 57 -21.94 24.76 -12.63
CA SER A 57 -23.06 25.14 -11.78
C SER A 57 -23.80 26.34 -12.34
N ASN A 58 -23.46 26.70 -13.57
CA ASN A 58 -23.98 27.92 -14.18
C ASN A 58 -23.71 29.20 -13.37
N GLY A 59 -22.54 29.26 -12.76
CA GLY A 59 -22.12 30.45 -12.05
C GLY A 59 -22.77 30.55 -10.68
N ASP A 60 -23.65 29.62 -10.35
CA ASP A 60 -24.49 29.78 -9.17
C ASP A 60 -23.91 29.17 -7.88
N MET A 61 -22.76 29.68 -7.46
CA MET A 61 -22.15 29.28 -6.19
C MET A 61 -21.48 30.48 -5.51
N LYS A 62 -20.97 30.24 -4.31
CA LYS A 62 -20.27 31.25 -3.53
C LYS A 62 -18.88 30.74 -3.27
N LEU A 63 -17.88 31.50 -3.68
CA LEU A 63 -16.50 31.06 -3.56
C LEU A 63 -15.72 31.91 -2.56
N ILE A 64 -14.98 31.25 -1.69
CA ILE A 64 -14.02 31.91 -0.86
C ILE A 64 -12.61 31.53 -1.36
N LEU A 65 -11.91 32.49 -1.95
CA LEU A 65 -10.62 32.25 -2.56
C LEU A 65 -9.51 32.77 -1.66
N ALA A 66 -8.69 31.86 -1.16
CA ALA A 66 -7.61 32.25 -0.26
C ALA A 66 -6.25 31.85 -0.81
N ALA A 67 -5.27 32.76 -0.66
CA ALA A 67 -3.88 32.52 -1.01
C ALA A 67 -3.10 33.74 -0.51
N ARG A 68 -1.79 33.78 -0.72
CA ARG A 68 -1.01 34.92 -0.26
C ARG A 68 -1.00 36.08 -1.26
N ARG A 69 -1.04 35.79 -2.55
CA ARG A 69 -0.96 36.84 -3.57
C ARG A 69 -2.29 37.54 -3.83
N LEU A 70 -2.53 38.63 -3.13
CA LEU A 70 -3.82 39.29 -3.18
C LEU A 70 -4.22 39.76 -4.58
N GLU A 71 -3.25 40.25 -5.34
CA GLU A 71 -3.55 40.75 -6.69
C GLU A 71 -4.02 39.61 -7.59
N LYS A 72 -3.40 38.45 -7.45
CA LYS A 72 -3.82 37.32 -8.23
C LYS A 72 -5.27 36.96 -7.90
N LEU A 73 -5.62 36.99 -6.61
CA LEU A 73 -6.99 36.72 -6.22
C LEU A 73 -7.93 37.77 -6.82
N GLU A 74 -7.59 39.05 -6.66
CA GLU A 74 -8.42 40.14 -7.18
C GLU A 74 -8.68 39.94 -8.68
N GLU A 75 -7.62 39.58 -9.37
CA GLU A 75 -7.66 39.43 -10.82
C GLU A 75 -8.63 38.30 -11.19
N LEU A 76 -8.55 37.21 -10.44
CA LEU A 76 -9.46 36.09 -10.62
C LEU A 76 -10.90 36.50 -10.36
N LYS A 77 -11.12 37.21 -9.26
CA LYS A 77 -12.46 37.68 -8.93
C LYS A 77 -13.00 38.54 -10.05
N LYS A 78 -12.16 39.39 -10.61
CA LYS A 78 -12.63 40.28 -11.66
C LYS A 78 -13.04 39.45 -12.88
N THR A 79 -12.21 38.49 -13.23
CA THR A 79 -12.54 37.56 -14.31
C THR A 79 -13.89 36.90 -14.07
N ILE A 80 -14.06 36.35 -12.86
CA ILE A 80 -15.29 35.70 -12.48
C ILE A 80 -16.47 36.67 -12.54
N ASP A 81 -16.27 37.89 -12.06
CA ASP A 81 -17.35 38.86 -11.95
C ASP A 81 -18.01 39.11 -13.30
N GLN A 82 -17.20 39.20 -14.34
CA GLN A 82 -17.75 39.52 -15.65
C GLN A 82 -18.20 38.27 -16.38
N GLU A 83 -17.51 37.17 -16.13
CA GLU A 83 -17.88 35.91 -16.75
C GLU A 83 -19.09 35.25 -16.08
N PHE A 84 -19.24 35.41 -14.77
CA PHE A 84 -20.34 34.78 -14.05
C PHE A 84 -21.05 35.76 -13.13
N PRO A 85 -21.89 36.62 -13.71
CA PRO A 85 -22.51 37.72 -12.97
C PRO A 85 -23.19 37.23 -11.70
N ASN A 86 -23.78 36.05 -11.78
CA ASN A 86 -24.56 35.53 -10.66
C ASN A 86 -23.71 34.84 -9.58
N ALA A 87 -22.40 34.81 -9.80
CA ALA A 87 -21.50 34.23 -8.81
C ALA A 87 -21.17 35.27 -7.75
N LYS A 88 -20.94 34.80 -6.53
CA LYS A 88 -20.48 35.63 -5.43
C LYS A 88 -19.13 35.12 -4.92
N VAL A 89 -18.15 36.02 -4.93
CA VAL A 89 -16.77 35.66 -4.63
C VAL A 89 -16.22 36.50 -3.49
N HIS A 90 -15.77 35.83 -2.44
CA HIS A 90 -15.07 36.53 -1.37
C HIS A 90 -13.59 36.24 -1.43
N VAL A 91 -12.80 37.26 -1.71
CA VAL A 91 -11.35 37.12 -1.79
C VAL A 91 -10.67 37.31 -0.43
N ALA A 92 -9.69 36.46 -0.11
CA ALA A 92 -9.03 36.49 1.22
C ALA A 92 -7.51 36.29 1.19
N GLN A 93 -6.77 37.36 1.45
CA GLN A 93 -5.32 37.22 1.62
C GLN A 93 -4.96 36.49 2.93
N LEU A 94 -4.43 35.28 2.80
CA LEU A 94 -4.16 34.44 3.94
C LEU A 94 -2.96 33.56 3.70
N ASP A 95 -2.02 33.58 4.63
CA ASP A 95 -0.90 32.65 4.63
C ASP A 95 -1.29 31.54 5.59
N ILE A 96 -1.71 30.39 5.06
CA ILE A 96 -2.30 29.35 5.91
C ILE A 96 -1.30 28.82 6.92
N THR A 97 -0.03 29.14 6.69
CA THR A 97 1.06 28.83 7.60
C THR A 97 1.01 29.59 8.94
N GLN A 98 0.31 30.72 8.95
CA GLN A 98 0.15 31.46 10.18
C GLN A 98 -1.03 30.92 10.97
N ALA A 99 -0.72 29.93 11.81
CA ALA A 99 -1.75 29.10 12.46
C ALA A 99 -2.75 29.95 13.23
N GLU A 100 -2.24 30.94 13.94
CA GLU A 100 -3.07 31.75 14.81
C GLU A 100 -4.19 32.49 14.07
N LYS A 101 -4.05 32.64 12.75
CA LYS A 101 -5.03 33.39 11.97
C LYS A 101 -6.16 32.54 11.39
N ILE A 102 -5.98 31.22 11.43
CA ILE A 102 -6.94 30.28 10.84
C ILE A 102 -8.33 30.36 11.47
N LYS A 103 -8.41 30.13 12.78
CA LYS A 103 -9.70 30.09 13.43
C LYS A 103 -10.44 31.44 13.24
N PRO A 104 -9.76 32.56 13.55
CA PRO A 104 -10.39 33.87 13.30
C PRO A 104 -10.78 34.05 11.83
N PHE A 105 -9.93 33.62 10.92
CA PHE A 105 -10.32 33.69 9.51
C PHE A 105 -11.70 33.10 9.26
N ILE A 106 -11.92 31.88 9.73
CA ILE A 106 -13.20 31.22 9.53
C ILE A 106 -14.31 31.96 10.26
N GLU A 107 -14.09 32.25 11.54
CA GLU A 107 -15.11 32.87 12.35
C GLU A 107 -15.51 34.23 11.82
N ASN A 108 -14.64 34.84 11.03
CA ASN A 108 -14.89 36.21 10.59
C ASN A 108 -15.36 36.36 9.16
N LEU A 109 -15.61 35.24 8.49
CA LEU A 109 -16.17 35.29 7.15
C LEU A 109 -17.46 36.09 7.14
N PRO A 110 -17.65 36.90 6.11
CA PRO A 110 -18.88 37.69 6.00
C PRO A 110 -20.09 36.76 6.08
N GLN A 111 -21.15 37.21 6.73
CA GLN A 111 -22.33 36.39 6.94
C GLN A 111 -22.64 35.51 5.72
N GLU A 112 -22.65 36.14 4.55
CA GLU A 112 -23.04 35.50 3.31
C GLU A 112 -22.22 34.24 2.98
N PHE A 113 -20.97 34.20 3.44
CA PHE A 113 -20.06 33.11 3.08
C PHE A 113 -19.74 32.20 4.23
N LYS A 114 -20.43 32.38 5.36
CA LYS A 114 -20.10 31.63 6.58
C LYS A 114 -20.44 30.15 6.50
N ASP A 115 -21.46 29.81 5.69
CA ASP A 115 -21.96 28.45 5.67
C ASP A 115 -21.27 27.59 4.61
N ILE A 116 -19.98 27.36 4.81
CA ILE A 116 -19.15 26.58 3.90
C ILE A 116 -19.73 25.19 3.70
N ASP A 117 -19.72 24.73 2.44
CA ASP A 117 -20.21 23.39 2.07
C ASP A 117 -19.07 22.49 1.60
N ILE A 118 -18.04 23.10 1.04
CA ILE A 118 -16.97 22.33 0.45
C ILE A 118 -15.68 23.01 0.77
N LEU A 119 -14.78 22.26 1.40
CA LEU A 119 -13.42 22.72 1.68
C LEU A 119 -12.42 22.02 0.73
N VAL A 120 -11.71 22.80 -0.06
CA VAL A 120 -10.65 22.24 -0.90
C VAL A 120 -9.29 22.65 -0.36
N ASN A 121 -8.64 21.72 0.35
CA ASN A 121 -7.29 21.92 0.87
C ASN A 121 -6.27 21.70 -0.23
N ASN A 122 -6.14 22.69 -1.10
CA ASN A 122 -5.29 22.63 -2.29
C ASN A 122 -3.91 23.29 -2.13
N ALA A 123 -3.84 24.41 -1.39
CA ALA A 123 -2.53 25.06 -1.17
C ALA A 123 -1.47 24.04 -0.71
N GLY A 124 -0.33 24.06 -1.40
CA GLY A 124 0.73 23.12 -1.15
C GLY A 124 1.88 23.32 -2.12
N LYS A 125 3.02 22.70 -1.83
CA LYS A 125 4.21 22.99 -2.59
C LYS A 125 5.25 21.90 -2.36
N ALA A 126 6.25 21.89 -3.21
CA ALA A 126 7.48 21.15 -2.97
C ALA A 126 8.65 22.13 -3.12
N LEU A 127 9.72 21.94 -2.36
CA LEU A 127 10.87 22.84 -2.44
C LEU A 127 12.13 22.05 -2.73
N GLY A 128 12.71 22.28 -3.91
CA GLY A 128 13.90 21.57 -4.31
C GLY A 128 13.74 20.06 -4.59
N SER A 129 14.84 19.46 -5.01
CA SER A 129 14.92 18.04 -5.29
C SER A 129 16.20 17.50 -4.70
N ASP A 130 16.49 17.92 -3.49
CA ASP A 130 17.72 17.55 -2.84
C ASP A 130 17.63 16.16 -2.23
N ARG A 131 18.75 15.43 -2.29
CA ARG A 131 18.85 14.14 -1.63
C ARG A 131 19.05 14.35 -0.13
N VAL A 132 18.57 13.42 0.67
CA VAL A 132 18.76 13.50 2.11
C VAL A 132 20.23 13.71 2.38
N GLY A 133 20.54 14.53 3.36
CA GLY A 133 21.89 15.02 3.57
C GLY A 133 22.07 16.44 3.06
N GLN A 134 21.37 16.81 1.99
CA GLN A 134 21.48 18.13 1.35
C GLN A 134 20.25 19.01 1.52
N ILE A 135 19.36 18.67 2.44
CA ILE A 135 18.05 19.33 2.47
C ILE A 135 18.02 20.43 3.49
N ALA A 136 17.72 21.64 3.04
CA ALA A 136 17.73 22.80 3.93
C ALA A 136 16.56 22.70 4.91
N THR A 137 16.84 22.99 6.17
CA THR A 137 15.85 22.95 7.23
C THR A 137 14.63 23.86 6.95
N GLU A 138 14.85 24.98 6.26
CA GLU A 138 13.77 25.89 5.92
C GLU A 138 12.83 25.22 4.98
N ASP A 139 13.40 24.51 4.00
CA ASP A 139 12.60 23.78 3.02
C ASP A 139 11.82 22.68 3.72
N ILE A 140 12.41 22.04 4.71
CA ILE A 140 11.68 21.01 5.45
C ILE A 140 10.48 21.60 6.19
N GLN A 141 10.68 22.68 6.94
CA GLN A 141 9.57 23.29 7.68
C GLN A 141 8.48 23.86 6.78
N ASP A 142 8.89 24.50 5.69
CA ASP A 142 7.93 25.16 4.83
C ASP A 142 7.01 24.11 4.19
N VAL A 143 7.60 23.03 3.67
CA VAL A 143 6.80 22.00 3.01
C VAL A 143 5.83 21.33 4.01
N PHE A 144 6.37 20.92 5.15
CA PHE A 144 5.50 20.28 6.14
C PHE A 144 4.42 21.22 6.68
N ASP A 145 4.76 22.49 6.92
CA ASP A 145 3.82 23.43 7.52
C ASP A 145 2.70 23.75 6.58
N THR A 146 3.03 23.89 5.31
CA THR A 146 2.01 24.20 4.31
C THR A 146 1.21 22.95 3.98
N ASN A 147 1.90 21.84 3.72
CA ASN A 147 1.24 20.67 3.16
C ASN A 147 0.47 19.87 4.22
N VAL A 148 0.92 19.92 5.46
CA VAL A 148 0.39 19.01 6.48
C VAL A 148 -0.23 19.79 7.62
N THR A 149 0.60 20.48 8.38
CA THR A 149 0.15 21.21 9.55
C THR A 149 -0.99 22.20 9.19
N ALA A 150 -0.76 23.08 8.23
CA ALA A 150 -1.81 24.01 7.82
C ALA A 150 -3.06 23.30 7.34
N LEU A 151 -2.90 22.27 6.50
CA LEU A 151 -4.04 21.46 6.04
C LEU A 151 -4.87 20.94 7.21
N ILE A 152 -4.21 20.43 8.25
CA ILE A 152 -4.92 19.93 9.41
C ILE A 152 -5.57 21.06 10.22
N ASN A 153 -4.87 22.18 10.36
CA ASN A 153 -5.42 23.32 11.08
C ASN A 153 -6.69 23.82 10.41
N ILE A 154 -6.62 24.02 9.09
CA ILE A 154 -7.74 24.52 8.34
C ILE A 154 -8.88 23.54 8.40
N THR A 155 -8.55 22.26 8.24
CA THR A 155 -9.53 21.20 8.41
C THR A 155 -10.25 21.25 9.77
N GLN A 156 -9.48 21.36 10.85
CA GLN A 156 -10.09 21.39 12.16
C GLN A 156 -10.98 22.62 12.34
N ALA A 157 -10.57 23.75 11.77
CA ALA A 157 -11.35 24.97 11.92
C ALA A 157 -12.69 24.97 11.15
N VAL A 158 -12.75 24.25 10.03
CA VAL A 158 -13.96 24.21 9.23
C VAL A 158 -14.90 23.09 9.65
N LEU A 159 -14.34 21.95 10.05
CA LEU A 159 -15.12 20.77 10.44
C LEU A 159 -16.37 21.00 11.32
N PRO A 160 -16.28 21.84 12.34
CA PRO A 160 -17.47 22.06 13.17
C PRO A 160 -18.66 22.54 12.32
N ILE A 161 -18.38 23.29 11.25
CA ILE A 161 -19.43 23.78 10.39
C ILE A 161 -20.18 22.62 9.80
N PHE A 162 -19.39 21.62 9.40
CA PHE A 162 -19.93 20.43 8.72
C PHE A 162 -20.66 19.55 9.69
N GLN A 163 -20.11 19.45 10.89
CA GLN A 163 -20.71 18.58 11.89
C GLN A 163 -22.04 19.13 12.40
N ALA A 164 -22.15 20.46 12.50
CA ALA A 164 -23.39 21.08 12.95
C ALA A 164 -24.53 20.70 12.01
N LYS A 165 -24.29 20.73 10.70
CA LYS A 165 -25.33 20.49 9.74
C LYS A 165 -25.30 19.08 9.14
N ASN A 166 -24.40 18.24 9.65
CA ASN A 166 -24.19 16.89 9.11
C ASN A 166 -24.10 16.81 7.59
N SER A 167 -23.34 17.69 6.99
CA SER A 167 -23.06 17.64 5.57
C SER A 167 -21.81 18.47 5.26
N GLY A 168 -21.24 18.28 4.07
CA GLY A 168 -20.04 18.99 3.69
C GLY A 168 -19.02 18.03 3.09
N ASP A 169 -18.20 18.55 2.17
CA ASP A 169 -17.12 17.77 1.56
C ASP A 169 -15.80 18.34 2.00
N ILE A 170 -14.88 17.46 2.40
CA ILE A 170 -13.50 17.80 2.66
C ILE A 170 -12.61 17.22 1.56
N VAL A 171 -11.99 18.08 0.75
CA VAL A 171 -11.20 17.61 -0.38
C VAL A 171 -9.73 17.92 -0.15
N ASN A 172 -8.91 16.88 -0.08
CA ASN A 172 -7.49 17.09 0.18
C ASN A 172 -6.64 16.73 -1.03
N LEU A 173 -5.77 17.66 -1.40
CA LEU A 173 -4.81 17.39 -2.46
C LEU A 173 -3.60 16.58 -1.96
N GLY A 174 -3.63 15.28 -2.24
CA GLY A 174 -2.47 14.43 -2.08
C GLY A 174 -1.69 14.40 -3.38
N SER A 175 -1.07 13.26 -3.67
CA SER A 175 -0.25 13.17 -4.85
C SER A 175 0.09 11.72 -5.06
N ILE A 176 0.45 11.37 -6.28
CA ILE A 176 1.05 10.05 -6.50
C ILE A 176 2.22 9.83 -5.53
N ALA A 177 2.91 10.90 -5.18
CA ALA A 177 4.02 10.88 -4.23
C ALA A 177 3.56 10.46 -2.83
N GLY A 178 2.25 10.52 -2.59
CA GLY A 178 1.68 10.09 -1.31
C GLY A 178 1.54 8.58 -1.12
N ARG A 179 1.87 7.79 -2.14
CA ARG A 179 1.69 6.35 -2.02
C ARG A 179 2.81 5.59 -2.68
N ASP A 180 3.70 6.32 -3.35
CA ASP A 180 4.85 5.72 -4.05
C ASP A 180 6.06 6.69 -3.99
N ALA A 181 6.90 6.55 -2.97
CA ALA A 181 7.95 7.53 -2.77
C ALA A 181 9.07 7.38 -3.76
N TYR A 182 9.83 8.46 -3.92
CA TYR A 182 10.89 8.47 -4.91
C TYR A 182 12.12 9.21 -4.42
N PRO A 183 13.30 8.80 -4.88
CA PRO A 183 14.52 9.45 -4.43
C PRO A 183 14.55 10.92 -4.87
N THR A 184 15.16 11.80 -4.07
CA THR A 184 15.14 13.25 -4.27
C THR A 184 13.82 13.94 -3.91
N GLY A 185 12.82 13.18 -3.50
CA GLY A 185 11.56 13.77 -3.07
C GLY A 185 11.11 13.38 -1.66
N SER A 186 12.08 13.12 -0.78
CA SER A 186 11.77 12.55 0.53
C SER A 186 10.79 13.38 1.33
N ILE A 187 11.07 14.67 1.45
CA ILE A 187 10.23 15.55 2.25
C ILE A 187 8.83 15.66 1.63
N TYR A 188 8.76 15.98 0.35
CA TYR A 188 7.48 16.12 -0.32
C TYR A 188 6.68 14.83 -0.16
N CYS A 189 7.35 13.70 -0.39
CA CYS A 189 6.65 12.43 -0.35
C CYS A 189 6.18 12.18 1.07
N ALA A 190 7.06 12.50 2.02
CA ALA A 190 6.71 12.28 3.40
C ALA A 190 5.45 13.09 3.68
N SER A 191 5.41 14.32 3.15
CA SER A 191 4.28 15.22 3.43
C SER A 191 2.99 14.71 2.80
N LYS A 192 3.08 14.19 1.57
CA LYS A 192 1.88 13.68 0.92
C LYS A 192 1.39 12.33 1.45
N PHE A 193 2.32 11.49 1.93
CA PHE A 193 1.95 10.27 2.68
C PHE A 193 1.17 10.65 3.95
N ALA A 194 1.66 11.68 4.64
CA ALA A 194 1.00 12.17 5.85
C ALA A 194 -0.41 12.71 5.53
N VAL A 195 -0.55 13.46 4.43
CA VAL A 195 -1.87 13.98 4.04
C VAL A 195 -2.82 12.82 3.74
N GLY A 196 -2.32 11.80 3.07
CA GLY A 196 -3.14 10.64 2.81
C GLY A 196 -3.58 9.99 4.10
N ALA A 197 -2.63 9.77 5.01
CA ALA A 197 -2.95 9.02 6.23
C ALA A 197 -3.94 9.78 7.10
N PHE A 198 -3.70 11.07 7.25
CA PHE A 198 -4.61 11.95 7.94
C PHE A 198 -5.97 11.85 7.29
N THR A 199 -5.98 11.87 5.97
CA THR A 199 -7.25 11.82 5.26
C THR A 199 -7.98 10.54 5.56
N ASP A 200 -7.24 9.44 5.61
CA ASP A 200 -7.83 8.12 5.79
C ASP A 200 -8.41 8.02 7.19
N SER A 201 -7.61 8.41 8.19
CA SER A 201 -8.15 8.47 9.56
C SER A 201 -9.44 9.26 9.60
N LEU A 202 -9.41 10.45 9.00
CA LEU A 202 -10.59 11.33 9.00
C LEU A 202 -11.83 10.63 8.44
N ARG A 203 -11.69 10.02 7.26
CA ARG A 203 -12.82 9.33 6.66
C ARG A 203 -13.32 8.19 7.59
N LYS A 204 -12.40 7.51 8.26
CA LYS A 204 -12.81 6.45 9.15
C LYS A 204 -13.57 6.99 10.40
N GLU A 205 -13.17 8.15 10.89
CA GLU A 205 -13.86 8.80 11.99
C GLU A 205 -15.28 9.24 11.66
N LEU A 206 -15.49 9.66 10.42
CA LEU A 206 -16.74 10.26 9.99
C LEU A 206 -17.80 9.32 9.37
N ILE A 207 -17.57 8.01 9.37
CA ILE A 207 -18.55 7.09 8.79
C ILE A 207 -19.97 7.18 9.38
N ASN A 208 -20.13 7.85 10.51
CA ASN A 208 -21.44 7.99 11.12
C ASN A 208 -22.05 9.34 10.78
N THR A 209 -21.39 10.08 9.89
CA THR A 209 -21.94 11.35 9.43
C THR A 209 -22.12 11.28 7.94
N LYS A 210 -22.70 12.32 7.37
CA LYS A 210 -22.82 12.37 5.93
C LYS A 210 -21.82 13.33 5.34
N ILE A 211 -20.70 13.49 6.05
CA ILE A 211 -19.60 14.35 5.63
C ILE A 211 -18.67 13.53 4.77
N ARG A 212 -18.40 14.01 3.56
CA ARG A 212 -17.62 13.27 2.60
C ARG A 212 -16.19 13.67 2.68
N VAL A 213 -15.30 12.66 2.62
CA VAL A 213 -13.86 12.85 2.73
C VAL A 213 -13.18 12.31 1.48
N ILE A 214 -12.56 13.22 0.73
CA ILE A 214 -12.13 12.93 -0.64
C ILE A 214 -10.66 13.30 -0.86
N LEU A 215 -9.88 12.34 -1.33
CA LEU A 215 -8.46 12.51 -1.62
C LEU A 215 -8.22 12.52 -3.11
N ILE A 216 -7.62 13.60 -3.59
CA ILE A 216 -7.27 13.76 -4.99
C ILE A 216 -5.77 13.59 -5.15
N ALA A 217 -5.34 12.63 -5.96
CA ALA A 217 -3.90 12.35 -6.07
C ALA A 217 -3.42 12.39 -7.51
N PRO A 218 -2.90 13.54 -7.97
CA PRO A 218 -2.40 13.70 -9.35
C PRO A 218 -0.95 13.28 -9.50
N GLY A 219 -0.57 13.01 -10.75
CA GLY A 219 0.82 12.93 -11.16
C GLY A 219 1.21 14.29 -11.72
N LEU A 220 1.95 14.31 -12.84
CA LEU A 220 2.40 15.55 -13.46
C LEU A 220 1.29 16.50 -13.91
N VAL A 221 1.18 17.63 -13.25
CA VAL A 221 0.32 18.71 -13.69
C VAL A 221 1.17 19.96 -13.89
N GLU A 222 1.04 20.63 -15.04
CA GLU A 222 1.88 21.81 -15.27
C GLU A 222 1.20 23.05 -14.70
N THR A 223 1.71 23.53 -13.59
CA THR A 223 1.15 24.68 -12.94
C THR A 223 2.32 25.57 -12.59
N GLU A 224 2.25 26.23 -11.44
CA GLU A 224 3.39 26.95 -10.91
C GLU A 224 4.15 26.06 -9.93
N PHE A 225 3.69 24.82 -9.81
CA PHE A 225 4.22 23.86 -8.86
C PHE A 225 5.73 23.64 -9.04
N SER A 226 6.15 23.35 -10.27
CA SER A 226 7.57 23.17 -10.53
C SER A 226 8.36 24.49 -10.47
N LEU A 227 7.73 25.59 -10.86
CA LEU A 227 8.36 26.90 -10.73
C LEU A 227 8.68 27.19 -9.28
N VAL A 228 7.72 26.97 -8.40
CA VAL A 228 7.97 27.13 -6.96
C VAL A 228 9.06 26.18 -6.49
N ARG A 229 8.93 24.92 -6.89
CA ARG A 229 9.87 23.90 -6.48
C ARG A 229 11.33 24.28 -6.76
N TYR A 230 11.58 24.94 -7.90
CA TYR A 230 12.96 25.29 -8.28
C TYR A 230 13.22 26.79 -8.17
N ARG A 231 12.53 27.42 -7.22
CA ARG A 231 12.79 28.80 -6.84
C ARG A 231 12.75 29.80 -7.98
N GLY A 232 11.82 29.65 -8.90
CA GLY A 232 11.64 30.65 -9.94
C GLY A 232 12.43 30.38 -11.20
N ASN A 233 13.30 29.39 -11.16
CA ASN A 233 14.04 29.05 -12.36
C ASN A 233 13.12 28.42 -13.44
N GLU A 234 12.76 29.22 -14.44
CA GLU A 234 11.84 28.76 -15.47
C GLU A 234 12.40 27.57 -16.24
N GLU A 235 13.71 27.58 -16.45
CA GLU A 235 14.37 26.49 -17.15
C GLU A 235 14.07 25.16 -16.51
N GLN A 236 14.46 25.02 -15.26
CA GLN A 236 14.24 23.76 -14.54
C GLN A 236 12.77 23.38 -14.47
N ALA A 237 11.90 24.38 -14.32
CA ALA A 237 10.47 24.14 -14.29
C ALA A 237 9.98 23.53 -15.60
N LYS A 238 10.21 24.20 -16.73
CA LYS A 238 9.76 23.67 -18.03
C LYS A 238 10.36 22.29 -18.32
N ASN A 239 11.51 22.04 -17.71
CA ASN A 239 12.25 20.83 -17.97
C ASN A 239 11.58 19.59 -17.41
N VAL A 240 10.80 19.77 -16.35
CA VAL A 240 10.08 18.66 -15.73
C VAL A 240 9.04 18.07 -16.69
N TYR A 241 8.52 18.90 -17.60
CA TYR A 241 7.45 18.51 -18.52
C TYR A 241 7.94 18.24 -19.94
N LYS A 242 9.21 18.55 -20.19
CA LYS A 242 9.82 18.39 -21.51
C LYS A 242 9.47 17.04 -22.11
N ASP A 243 8.98 17.07 -23.34
CA ASP A 243 8.71 15.88 -24.15
C ASP A 243 7.57 15.02 -23.59
N THR A 244 6.71 15.64 -22.78
CA THR A 244 5.54 14.94 -22.30
C THR A 244 4.34 15.85 -22.50
N THR A 245 3.14 15.29 -22.41
CA THR A 245 1.95 16.11 -22.36
C THR A 245 1.33 16.00 -20.98
N PRO A 246 1.72 16.88 -20.06
CA PRO A 246 1.24 16.65 -18.70
C PRO A 246 -0.23 17.03 -18.57
N LEU A 247 -0.79 16.79 -17.39
CA LEU A 247 -2.11 17.24 -17.07
C LEU A 247 -2.00 18.74 -16.91
N MET A 248 -3.10 19.42 -17.22
CA MET A 248 -3.21 20.83 -16.96
C MET A 248 -4.07 20.98 -15.73
N ALA A 249 -4.02 22.13 -15.08
CA ALA A 249 -4.78 22.33 -13.84
C ALA A 249 -6.27 22.06 -13.98
N ASP A 250 -6.86 22.40 -15.13
CA ASP A 250 -8.30 22.20 -15.32
C ASP A 250 -8.69 20.73 -15.38
N ASP A 251 -7.72 19.88 -15.70
CA ASP A 251 -7.94 18.43 -15.63
C ASP A 251 -8.21 17.95 -14.19
N VAL A 252 -7.45 18.50 -13.24
CA VAL A 252 -7.63 18.11 -11.85
C VAL A 252 -8.85 18.82 -11.31
N ALA A 253 -9.10 20.02 -11.82
CA ALA A 253 -10.29 20.76 -11.41
C ALA A 253 -11.53 19.97 -11.80
N ASP A 254 -11.55 19.50 -13.04
CA ASP A 254 -12.61 18.64 -13.54
C ASP A 254 -12.95 17.48 -12.56
N LEU A 255 -11.91 16.80 -12.08
CA LEU A 255 -12.09 15.64 -11.18
C LEU A 255 -12.65 16.09 -9.84
N ILE A 256 -12.18 17.25 -9.35
CA ILE A 256 -12.62 17.75 -8.05
C ILE A 256 -14.09 18.13 -8.08
N VAL A 257 -14.47 18.84 -9.14
CA VAL A 257 -15.85 19.21 -9.30
C VAL A 257 -16.69 17.95 -9.53
N TYR A 258 -16.16 17.01 -10.30
CA TYR A 258 -16.88 15.75 -10.47
C TYR A 258 -17.16 15.10 -9.13
N ALA A 259 -16.12 14.92 -8.33
CA ALA A 259 -16.27 14.20 -7.08
C ALA A 259 -17.31 14.89 -6.18
N THR A 260 -17.24 16.20 -6.10
CA THR A 260 -18.07 16.96 -5.17
C THR A 260 -19.50 17.21 -5.70
N SER A 261 -19.75 16.91 -6.97
CA SER A 261 -21.10 17.02 -7.51
C SER A 261 -21.86 15.67 -7.63
N ARG A 262 -21.31 14.61 -7.09
CA ARG A 262 -22.06 13.36 -6.99
C ARG A 262 -23.14 13.52 -5.94
N LYS A 263 -24.19 12.72 -6.04
CA LYS A 263 -25.21 12.66 -5.00
C LYS A 263 -24.55 12.40 -3.63
N GLN A 264 -25.17 12.89 -2.57
CA GLN A 264 -24.56 12.90 -1.26
C GLN A 264 -24.06 11.55 -0.75
N ASN A 265 -24.81 10.48 -1.02
CA ASN A 265 -24.45 9.17 -0.52
C ASN A 265 -23.16 8.61 -1.13
N THR A 266 -22.76 9.19 -2.26
CA THR A 266 -21.60 8.71 -2.98
C THR A 266 -20.32 9.45 -2.65
N VAL A 267 -19.30 8.68 -2.33
CA VAL A 267 -17.99 9.26 -2.03
C VAL A 267 -16.94 8.75 -3.01
N ILE A 268 -16.55 9.64 -3.90
CA ILE A 268 -15.41 9.40 -4.74
C ILE A 268 -14.19 9.57 -3.82
N ALA A 269 -13.87 8.51 -3.10
CA ALA A 269 -13.05 8.66 -1.91
C ALA A 269 -11.62 8.98 -2.17
N ASP A 270 -11.05 8.35 -3.20
CA ASP A 270 -9.60 8.36 -3.41
C ASP A 270 -9.30 8.10 -4.89
N THR A 271 -8.83 9.11 -5.60
CA THR A 271 -8.64 9.04 -7.04
C THR A 271 -7.24 9.45 -7.47
N LEU A 272 -6.60 8.57 -8.21
CA LEU A 272 -5.30 8.81 -8.76
C LEU A 272 -5.50 9.26 -10.20
N ILE A 273 -5.04 10.46 -10.53
CA ILE A 273 -5.18 10.99 -11.89
C ILE A 273 -3.80 11.25 -12.55
N PHE A 274 -3.65 10.72 -13.76
CA PHE A 274 -2.38 10.65 -14.45
C PHE A 274 -2.57 11.22 -15.84
N PRO A 275 -1.52 11.85 -16.38
CA PRO A 275 -1.44 12.02 -17.84
C PRO A 275 -1.09 10.66 -18.46
N THR A 276 -1.52 10.43 -19.70
CA THR A 276 -1.53 9.09 -20.25
C THR A 276 -0.12 8.53 -20.32
N ASN A 277 0.87 9.40 -20.32
CA ASN A 277 2.24 8.95 -20.47
C ASN A 277 2.91 8.55 -19.15
N GLN A 278 2.18 8.68 -18.06
CA GLN A 278 2.73 8.42 -16.74
C GLN A 278 2.00 7.26 -16.06
N ALA A 279 2.76 6.38 -15.40
CA ALA A 279 2.11 5.33 -14.60
C ALA A 279 2.59 5.27 -13.15
N SER A 280 3.59 6.06 -12.81
CA SER A 280 4.11 6.15 -11.44
C SER A 280 5.15 7.25 -11.50
N PRO A 281 5.80 7.57 -10.35
CA PRO A 281 6.82 8.61 -10.39
C PRO A 281 8.01 8.10 -11.15
N HIS A 282 8.10 6.79 -11.27
CA HIS A 282 9.26 6.17 -11.90
C HIS A 282 8.96 5.76 -13.34
N HIS A 283 7.71 5.85 -13.75
CA HIS A 283 7.31 5.37 -15.06
C HIS A 283 6.64 6.47 -15.87
N ILE A 284 7.49 7.22 -16.56
CA ILE A 284 7.09 8.43 -17.27
C ILE A 284 7.67 8.37 -18.66
N PHE A 285 6.81 8.19 -19.66
CA PHE A 285 7.30 8.12 -21.03
C PHE A 285 7.53 9.52 -21.62
N ARG A 286 8.72 9.73 -22.17
CA ARG A 286 9.02 10.98 -22.86
C ARG A 286 9.22 10.73 -24.35
N GLY A 287 8.41 11.41 -25.16
CA GLY A 287 8.39 11.20 -26.60
C GLY A 287 9.43 12.04 -27.30
N HIS B 20 27.78 -14.23 26.60
CA HIS B 20 26.76 -13.32 26.05
C HIS B 20 26.69 -13.26 24.52
N MET B 21 26.00 -14.21 23.89
CA MET B 21 25.78 -14.12 22.45
C MET B 21 24.34 -14.49 22.03
N SER B 22 23.39 -13.68 22.47
CA SER B 22 21.98 -13.98 22.31
C SER B 22 21.57 -14.40 20.88
N GLN B 23 22.38 -14.05 19.88
CA GLN B 23 21.99 -14.30 18.49
C GLN B 23 22.99 -15.15 17.73
N GLY B 24 23.91 -15.79 18.44
CA GLY B 24 24.86 -16.66 17.80
C GLY B 24 26.17 -15.97 17.54
N ARG B 25 27.19 -16.76 17.20
CA ARG B 25 28.56 -16.28 17.16
C ARG B 25 28.77 -15.28 16.02
N LYS B 26 28.27 -15.65 14.85
CA LYS B 26 28.50 -14.86 13.65
C LYS B 26 27.93 -13.44 13.80
N ALA B 27 26.72 -13.34 14.35
CA ALA B 27 26.11 -12.05 14.65
C ALA B 27 26.95 -11.20 15.65
N ALA B 28 27.40 -11.81 16.75
CA ALA B 28 28.37 -11.18 17.64
C ALA B 28 29.63 -10.68 16.93
N GLU B 29 30.22 -11.50 16.06
CA GLU B 29 31.39 -11.06 15.32
C GLU B 29 31.04 -9.80 14.54
N ARG B 30 29.88 -9.79 13.91
CA ARG B 30 29.58 -8.69 13.00
C ARG B 30 29.31 -7.40 13.77
N LEU B 31 28.85 -7.53 15.02
CA LEU B 31 28.53 -6.36 15.85
C LEU B 31 29.73 -5.80 16.59
N ALA B 32 30.74 -6.64 16.82
CA ALA B 32 31.82 -6.27 17.74
C ALA B 32 32.47 -4.94 17.40
N LYS B 33 32.61 -4.14 18.44
CA LYS B 33 33.37 -2.91 18.36
C LYS B 33 32.70 -1.82 17.58
N LYS B 34 31.49 -2.07 17.09
CA LYS B 34 30.74 -1.03 16.39
C LYS B 34 30.16 0.02 17.37
N THR B 35 29.85 1.21 16.84
CA THR B 35 29.30 2.30 17.66
C THR B 35 27.85 2.52 17.28
N VAL B 36 26.95 2.38 18.26
CA VAL B 36 25.54 2.59 18.01
C VAL B 36 25.03 3.86 18.67
N LEU B 37 24.29 4.68 17.93
CA LEU B 37 23.63 5.86 18.52
C LEU B 37 22.13 5.62 18.62
N ILE B 38 21.62 5.66 19.85
CA ILE B 38 20.23 5.36 20.12
C ILE B 38 19.46 6.54 20.68
N THR B 39 18.43 7.01 19.97
CA THR B 39 17.56 8.05 20.51
C THR B 39 16.37 7.42 21.24
N GLY B 40 15.95 8.05 22.34
CA GLY B 40 14.95 7.48 23.21
C GLY B 40 15.51 6.32 24.03
N ALA B 41 16.73 6.49 24.53
CA ALA B 41 17.39 5.43 25.26
C ALA B 41 16.94 5.32 26.70
N SER B 42 16.24 6.33 27.20
CA SER B 42 15.86 6.36 28.62
C SER B 42 14.76 5.36 29.01
N ALA B 43 14.06 4.81 28.03
CA ALA B 43 12.91 3.93 28.32
C ALA B 43 12.49 3.06 27.14
N GLY B 44 11.57 2.14 27.41
CA GLY B 44 10.98 1.32 26.38
C GLY B 44 11.94 0.70 25.35
N ILE B 45 11.64 0.91 24.06
CA ILE B 45 12.37 0.19 23.02
C ILE B 45 13.84 0.58 22.92
N GLY B 46 14.10 1.90 22.93
CA GLY B 46 15.45 2.42 22.92
C GLY B 46 16.31 1.78 24.03
N LYS B 47 15.83 1.83 25.26
CA LYS B 47 16.52 1.21 26.39
C LYS B 47 16.72 -0.29 26.20
N ALA B 48 15.66 -1.01 25.85
CA ALA B 48 15.77 -2.44 25.55
C ALA B 48 16.86 -2.68 24.52
N THR B 49 16.93 -1.80 23.52
CA THR B 49 17.83 -2.01 22.38
C THR B 49 19.28 -1.86 22.74
N ALA B 50 19.58 -0.88 23.59
CA ALA B 50 20.92 -0.75 24.15
C ALA B 50 21.34 -2.05 24.86
N LEU B 51 20.48 -2.55 25.73
CA LEU B 51 20.77 -3.80 26.43
C LEU B 51 20.93 -4.99 25.48
N GLU B 52 20.06 -5.10 24.48
CA GLU B 52 20.10 -6.23 23.56
C GLU B 52 21.37 -6.23 22.71
N TYR B 53 21.83 -5.04 22.36
CA TYR B 53 23.04 -4.93 21.59
C TYR B 53 24.17 -5.57 22.36
N LEU B 54 24.18 -5.36 23.67
CA LEU B 54 25.24 -5.93 24.48
C LEU B 54 25.07 -7.44 24.62
N GLU B 55 23.84 -7.91 24.83
CA GLU B 55 23.58 -9.35 24.90
C GLU B 55 24.10 -10.08 23.69
N ALA B 56 24.07 -9.43 22.54
CA ALA B 56 24.34 -10.11 21.27
C ALA B 56 25.79 -10.02 20.81
N SER B 57 26.59 -9.23 21.52
CA SER B 57 27.92 -8.85 21.06
C SER B 57 28.92 -9.10 22.17
N ASN B 58 28.47 -9.78 23.20
CA ASN B 58 29.28 -10.01 24.38
C ASN B 58 29.81 -8.71 25.01
N GLY B 59 28.96 -7.68 25.03
CA GLY B 59 29.31 -6.44 25.68
C GLY B 59 30.26 -5.58 24.88
N ASP B 60 30.72 -6.09 23.73
CA ASP B 60 31.82 -5.45 23.00
C ASP B 60 31.35 -4.45 21.94
N MET B 61 30.63 -3.41 22.39
CA MET B 61 30.26 -2.29 21.53
C MET B 61 30.36 -0.94 22.25
N LYS B 62 30.10 0.13 21.51
CA LYS B 62 30.11 1.48 22.05
C LYS B 62 28.73 2.04 21.83
N LEU B 63 28.09 2.47 22.92
CA LEU B 63 26.75 3.01 22.86
C LEU B 63 26.68 4.49 23.20
N ILE B 64 25.97 5.24 22.37
CA ILE B 64 25.65 6.64 22.67
C ILE B 64 24.16 6.70 22.95
N LEU B 65 23.81 6.93 24.21
CA LEU B 65 22.42 6.88 24.64
C LEU B 65 21.88 8.28 24.85
N ALA B 66 20.90 8.66 24.04
CA ALA B 66 20.35 10.00 24.13
C ALA B 66 18.84 9.99 24.43
N ALA B 67 18.43 10.94 25.27
CA ALA B 67 17.03 11.17 25.62
C ALA B 67 17.04 12.41 26.51
N ARG B 68 15.87 12.83 26.99
CA ARG B 68 15.77 13.99 27.86
C ARG B 68 16.01 13.68 29.35
N ARG B 69 15.60 12.52 29.83
CA ARG B 69 15.74 12.24 31.26
C ARG B 69 17.14 11.72 31.60
N LEU B 70 18.03 12.64 31.95
CA LEU B 70 19.41 12.28 32.24
C LEU B 70 19.60 11.21 33.32
N GLU B 71 18.81 11.24 34.40
CA GLU B 71 18.97 10.22 35.45
C GLU B 71 18.67 8.83 34.91
N LYS B 72 17.63 8.72 34.09
CA LYS B 72 17.30 7.43 33.48
C LYS B 72 18.49 6.93 32.67
N LEU B 73 19.13 7.83 31.93
CA LEU B 73 20.30 7.43 31.15
C LEU B 73 21.44 6.98 32.06
N GLU B 74 21.71 7.76 33.11
CA GLU B 74 22.79 7.45 34.05
C GLU B 74 22.58 6.08 34.67
N GLU B 75 21.33 5.84 35.06
CA GLU B 75 20.93 4.59 35.67
C GLU B 75 21.23 3.40 34.73
N LEU B 76 20.90 3.58 33.46
CA LEU B 76 21.10 2.56 32.45
C LEU B 76 22.58 2.29 32.31
N LYS B 77 23.36 3.36 32.24
CA LYS B 77 24.80 3.25 32.07
C LYS B 77 25.39 2.49 33.25
N LYS B 78 24.88 2.77 34.43
CA LYS B 78 25.41 2.12 35.62
C LYS B 78 25.12 0.62 35.48
N THR B 79 23.88 0.30 35.13
CA THR B 79 23.50 -1.10 34.91
C THR B 79 24.44 -1.78 33.93
N ILE B 80 24.63 -1.13 32.79
CA ILE B 80 25.52 -1.62 31.75
C ILE B 80 26.95 -1.76 32.26
N ASP B 81 27.41 -0.76 33.02
CA ASP B 81 28.79 -0.77 33.47
C ASP B 81 29.14 -2.00 34.26
N GLN B 82 28.23 -2.46 35.11
CA GLN B 82 28.53 -3.60 35.96
C GLN B 82 28.21 -4.91 35.25
N GLU B 83 27.19 -4.86 34.39
CA GLU B 83 26.82 -6.05 33.64
C GLU B 83 27.75 -6.33 32.45
N PHE B 84 28.27 -5.28 31.81
CA PHE B 84 29.16 -5.46 30.66
C PHE B 84 30.41 -4.63 30.76
N PRO B 85 31.36 -5.06 31.59
CA PRO B 85 32.55 -4.28 31.90
C PRO B 85 33.23 -3.76 30.64
N ASN B 86 33.20 -4.55 29.57
CA ASN B 86 33.96 -4.23 28.37
C ASN B 86 33.19 -3.31 27.43
N ALA B 87 32.00 -2.91 27.85
CA ALA B 87 31.20 -1.99 27.04
C ALA B 87 31.63 -0.57 27.35
N LYS B 88 31.52 0.31 26.37
CA LYS B 88 31.75 1.73 26.59
C LYS B 88 30.49 2.50 26.23
N VAL B 89 30.02 3.30 27.18
CA VAL B 89 28.74 3.98 27.05
C VAL B 89 28.88 5.49 27.25
N HIS B 90 28.47 6.26 26.25
CA HIS B 90 28.42 7.71 26.38
C HIS B 90 26.98 8.18 26.50
N VAL B 91 26.64 8.72 27.66
CA VAL B 91 25.32 9.22 27.95
C VAL B 91 25.17 10.70 27.52
N ALA B 92 24.02 11.05 26.96
CA ALA B 92 23.84 12.38 26.41
C ALA B 92 22.42 12.92 26.60
N GLN B 93 22.29 13.95 27.43
CA GLN B 93 21.00 14.58 27.63
C GLN B 93 20.66 15.47 26.43
N LEU B 94 19.67 15.05 25.64
CA LEU B 94 19.34 15.74 24.41
C LEU B 94 17.85 15.70 24.11
N ASP B 95 17.28 16.87 23.86
CA ASP B 95 15.93 16.97 23.37
C ASP B 95 16.04 17.11 21.86
N ILE B 96 15.75 16.04 21.13
CA ILE B 96 16.03 16.02 19.71
C ILE B 96 15.15 17.04 18.96
N THR B 97 14.15 17.56 19.66
CA THR B 97 13.29 18.61 19.14
C THR B 97 13.99 19.95 19.01
N GLN B 98 15.12 20.10 19.69
CA GLN B 98 15.88 21.33 19.62
C GLN B 98 16.85 21.25 18.46
N ALA B 99 16.35 21.61 17.29
CA ALA B 99 17.06 21.39 16.03
C ALA B 99 18.48 21.89 16.09
N GLU B 100 18.63 23.09 16.61
CA GLU B 100 19.91 23.80 16.53
C GLU B 100 21.01 23.08 17.32
N LYS B 101 20.63 22.16 18.20
CA LYS B 101 21.63 21.39 18.98
C LYS B 101 22.09 20.10 18.31
N ILE B 102 21.41 19.66 17.27
CA ILE B 102 21.68 18.35 16.65
C ILE B 102 23.09 18.29 16.04
N LYS B 103 23.37 19.20 15.11
CA LYS B 103 24.64 19.16 14.40
C LYS B 103 25.81 19.25 15.40
N PRO B 104 25.80 20.25 16.30
CA PRO B 104 26.84 20.32 17.33
C PRO B 104 26.93 19.04 18.17
N PHE B 105 25.78 18.49 18.56
CA PHE B 105 25.80 17.24 19.30
C PHE B 105 26.68 16.21 18.60
N ILE B 106 26.44 15.98 17.31
CA ILE B 106 27.20 14.98 16.60
C ILE B 106 28.69 15.37 16.54
N GLU B 107 28.93 16.59 16.06
CA GLU B 107 30.30 17.08 15.87
C GLU B 107 31.10 17.07 17.17
N ASN B 108 30.41 17.10 18.31
CA ASN B 108 31.10 17.20 19.59
C ASN B 108 31.18 15.90 20.40
N LEU B 109 30.74 14.79 19.81
CA LEU B 109 30.96 13.50 20.45
C LEU B 109 32.44 13.31 20.82
N PRO B 110 32.69 12.75 21.99
CA PRO B 110 34.06 12.42 22.37
C PRO B 110 34.73 11.57 21.30
N GLN B 111 36.01 11.83 21.03
CA GLN B 111 36.72 11.14 19.96
C GLN B 111 36.32 9.67 19.86
N GLU B 112 36.28 8.99 21.00
CA GLU B 112 36.06 7.55 21.05
C GLU B 112 34.74 7.09 20.43
N PHE B 113 33.71 7.97 20.47
CA PHE B 113 32.38 7.63 19.99
C PHE B 113 32.01 8.31 18.67
N LYS B 114 32.96 8.98 18.02
CA LYS B 114 32.65 9.80 16.86
C LYS B 114 32.27 8.96 15.63
N ASP B 115 32.80 7.75 15.57
CA ASP B 115 32.67 6.95 14.35
C ASP B 115 31.42 6.06 14.39
N ILE B 116 30.25 6.70 14.41
CA ILE B 116 28.98 6.01 14.49
C ILE B 116 28.81 4.96 13.37
N ASP B 117 28.30 3.77 13.71
CA ASP B 117 28.06 2.70 12.73
C ASP B 117 26.58 2.44 12.55
N ILE B 118 25.82 2.67 13.60
CA ILE B 118 24.40 2.37 13.56
C ILE B 118 23.65 3.49 14.24
N LEU B 119 22.68 4.05 13.54
CA LEU B 119 21.81 5.07 14.09
C LEU B 119 20.43 4.47 14.31
N VAL B 120 19.93 4.53 15.53
CA VAL B 120 18.58 4.03 15.78
C VAL B 120 17.65 5.20 16.12
N ASN B 121 16.88 5.66 15.13
CA ASN B 121 15.92 6.74 15.33
C ASN B 121 14.67 6.21 16.01
N ASN B 122 14.77 6.01 17.32
CA ASN B 122 13.73 5.38 18.09
C ASN B 122 12.86 6.38 18.85
N ALA B 123 13.45 7.43 19.40
CA ALA B 123 12.67 8.46 20.10
C ALA B 123 11.41 8.83 19.29
N GLY B 124 10.25 8.74 19.94
CA GLY B 124 8.99 9.04 19.28
C GLY B 124 7.84 8.89 20.26
N LYS B 125 6.67 9.40 19.90
CA LYS B 125 5.57 9.38 20.83
C LYS B 125 4.23 9.54 20.12
N ALA B 126 3.15 9.33 20.86
CA ALA B 126 1.83 9.71 20.41
C ALA B 126 1.18 10.46 21.57
N LEU B 127 0.38 11.46 21.25
CA LEU B 127 -0.27 12.28 22.27
C LEU B 127 -1.77 12.27 22.06
N GLY B 128 -2.48 11.62 23.00
CA GLY B 128 -3.92 11.59 22.99
C GLY B 128 -4.49 10.67 21.94
N SER B 129 -5.81 10.50 21.98
CA SER B 129 -6.56 9.73 20.98
C SER B 129 -7.76 10.53 20.53
N ASP B 130 -7.54 11.81 20.29
CA ASP B 130 -8.62 12.72 19.93
C ASP B 130 -8.99 12.58 18.46
N ARG B 131 -10.28 12.69 18.17
CA ARG B 131 -10.76 12.73 16.80
C ARG B 131 -10.47 14.10 16.20
N VAL B 132 -10.30 14.14 14.88
CA VAL B 132 -10.10 15.39 14.17
C VAL B 132 -11.21 16.36 14.58
N GLY B 133 -10.85 17.62 14.83
CA GLY B 133 -11.77 18.57 15.40
C GLY B 133 -11.44 18.82 16.86
N GLN B 134 -10.92 17.81 17.54
CA GLN B 134 -10.60 17.90 18.98
C GLN B 134 -9.10 17.90 19.29
N ILE B 135 -8.27 18.10 18.28
CA ILE B 135 -6.85 17.88 18.48
C ILE B 135 -6.13 19.18 18.84
N ALA B 136 -5.48 19.17 20.00
CA ALA B 136 -4.70 20.32 20.45
C ALA B 136 -3.51 20.57 19.52
N THR B 137 -3.32 21.83 19.17
CA THR B 137 -2.23 22.22 18.29
C THR B 137 -0.87 21.82 18.86
N GLU B 138 -0.74 21.81 20.20
CA GLU B 138 0.53 21.49 20.84
C GLU B 138 0.82 20.04 20.59
N ASP B 139 -0.21 19.23 20.71
CA ASP B 139 -0.08 17.81 20.43
C ASP B 139 0.28 17.53 18.98
N ILE B 140 -0.27 18.30 18.05
CA ILE B 140 0.14 18.18 16.65
C ILE B 140 1.62 18.53 16.42
N GLN B 141 2.11 19.64 16.96
CA GLN B 141 3.51 20.02 16.78
C GLN B 141 4.46 19.07 17.45
N ASP B 142 4.12 18.63 18.65
CA ASP B 142 5.03 17.79 19.42
C ASP B 142 5.22 16.45 18.70
N VAL B 143 4.13 15.83 18.28
CA VAL B 143 4.22 14.54 17.61
C VAL B 143 4.98 14.63 16.28
N PHE B 144 4.63 15.60 15.46
CA PHE B 144 5.36 15.78 14.22
C PHE B 144 6.84 16.14 14.37
N ASP B 145 7.15 17.05 15.29
CA ASP B 145 8.53 17.46 15.53
C ASP B 145 9.38 16.34 16.05
N THR B 146 8.83 15.53 16.95
CA THR B 146 9.63 14.45 17.51
C THR B 146 9.72 13.33 16.50
N ASN B 147 8.58 12.97 15.92
CA ASN B 147 8.50 11.75 15.11
C ASN B 147 9.06 11.88 13.71
N VAL B 148 8.98 13.08 13.15
CA VAL B 148 9.33 13.27 11.76
C VAL B 148 10.49 14.26 11.58
N THR B 149 10.26 15.52 11.95
CA THR B 149 11.27 16.53 11.76
C THR B 149 12.59 16.16 12.47
N ALA B 150 12.52 15.80 13.75
CA ALA B 150 13.74 15.50 14.49
C ALA B 150 14.41 14.26 13.86
N LEU B 151 13.61 13.26 13.54
CA LEU B 151 14.15 12.06 12.92
C LEU B 151 14.95 12.43 11.67
N ILE B 152 14.39 13.33 10.86
CA ILE B 152 15.08 13.75 9.65
C ILE B 152 16.35 14.54 9.95
N ASN B 153 16.27 15.44 10.94
CA ASN B 153 17.40 16.27 11.30
C ASN B 153 18.56 15.41 11.78
N ILE B 154 18.24 14.49 12.67
CA ILE B 154 19.25 13.60 13.21
C ILE B 154 19.82 12.76 12.08
N THR B 155 18.94 12.24 11.22
CA THR B 155 19.39 11.50 10.06
C THR B 155 20.36 12.31 9.19
N GLN B 156 20.00 13.53 8.87
CA GLN B 156 20.90 14.35 8.03
C GLN B 156 22.24 14.60 8.70
N ALA B 157 22.22 14.77 10.02
CA ALA B 157 23.45 15.06 10.73
C ALA B 157 24.41 13.88 10.82
N VAL B 158 23.88 12.66 10.87
CA VAL B 158 24.74 11.48 10.98
C VAL B 158 25.22 10.98 9.61
N LEU B 159 24.34 11.07 8.60
CA LEU B 159 24.58 10.51 7.25
C LEU B 159 25.96 10.76 6.65
N PRO B 160 26.51 11.98 6.78
CA PRO B 160 27.86 12.24 6.27
C PRO B 160 28.89 11.25 6.82
N ILE B 161 28.73 10.86 8.07
CA ILE B 161 29.65 9.90 8.65
C ILE B 161 29.62 8.61 7.84
N PHE B 162 28.41 8.20 7.46
CA PHE B 162 28.20 6.94 6.77
C PHE B 162 28.63 7.02 5.33
N GLN B 163 28.35 8.15 4.72
CA GLN B 163 28.79 8.34 3.35
C GLN B 163 30.32 8.41 3.21
N ALA B 164 31.00 8.98 4.21
CA ALA B 164 32.45 9.07 4.16
C ALA B 164 33.08 7.68 4.08
N LYS B 165 32.56 6.75 4.90
CA LYS B 165 33.10 5.39 4.97
C LYS B 165 32.33 4.33 4.20
N ASN B 166 31.34 4.78 3.45
CA ASN B 166 30.45 3.89 2.69
C ASN B 166 29.92 2.67 3.47
N SER B 167 29.45 2.91 4.67
CA SER B 167 28.84 1.86 5.46
C SER B 167 28.05 2.51 6.57
N GLY B 168 27.23 1.73 7.26
CA GLY B 168 26.40 2.26 8.34
C GLY B 168 24.96 1.84 8.18
N ASP B 169 24.27 1.63 9.29
CA ASP B 169 22.86 1.28 9.25
C ASP B 169 22.03 2.45 9.79
N ILE B 170 20.96 2.81 9.07
CA ILE B 170 19.98 3.77 9.56
C ILE B 170 18.70 3.02 9.93
N VAL B 171 18.36 2.99 11.22
CA VAL B 171 17.17 2.26 11.68
C VAL B 171 16.07 3.18 12.12
N ASN B 172 14.94 3.15 11.44
CA ASN B 172 13.85 4.03 11.78
C ASN B 172 12.67 3.30 12.36
N LEU B 173 12.22 3.76 13.53
CA LEU B 173 11.01 3.20 14.15
C LEU B 173 9.74 3.79 13.53
N GLY B 174 9.12 3.00 12.65
CA GLY B 174 7.80 3.27 12.12
C GLY B 174 6.79 2.58 13.00
N SER B 175 5.70 2.15 12.41
CA SER B 175 4.63 1.53 13.18
C SER B 175 3.66 0.91 12.20
N ILE B 176 2.91 -0.08 12.66
CA ILE B 176 1.78 -0.55 11.87
C ILE B 176 0.92 0.68 11.46
N ALA B 177 0.88 1.69 12.31
CA ALA B 177 0.11 2.90 12.04
C ALA B 177 0.64 3.64 10.80
N GLY B 178 1.88 3.34 10.44
CA GLY B 178 2.49 3.94 9.26
C GLY B 178 2.04 3.34 7.94
N ARG B 179 1.21 2.29 7.95
CA ARG B 179 0.72 1.75 6.67
C ARG B 179 -0.76 1.41 6.69
N ASP B 180 -1.38 1.53 7.86
CA ASP B 180 -2.81 1.24 7.99
C ASP B 180 -3.40 2.23 9.01
N ALA B 181 -3.98 3.32 8.53
CA ALA B 181 -4.41 4.36 9.48
C ALA B 181 -5.70 4.00 10.20
N TYR B 182 -5.92 4.63 11.35
CA TYR B 182 -7.08 4.28 12.16
C TYR B 182 -7.69 5.53 12.78
N PRO B 183 -9.01 5.51 12.97
CA PRO B 183 -9.70 6.68 13.53
C PRO B 183 -9.21 6.95 14.96
N THR B 184 -9.17 8.21 15.38
CA THR B 184 -8.55 8.64 16.64
C THR B 184 -7.02 8.67 16.66
N GLY B 185 -6.38 8.25 15.58
CA GLY B 185 -4.93 8.26 15.51
C GLY B 185 -4.37 9.07 14.35
N SER B 186 -5.13 10.05 13.88
CA SER B 186 -4.79 10.73 12.63
C SER B 186 -3.39 11.33 12.59
N ILE B 187 -3.04 12.13 13.60
CA ILE B 187 -1.72 12.73 13.72
C ILE B 187 -0.59 11.68 13.83
N TYR B 188 -0.67 10.78 14.81
CA TYR B 188 0.31 9.71 14.93
C TYR B 188 0.47 8.95 13.61
N CYS B 189 -0.65 8.53 13.02
CA CYS B 189 -0.57 7.75 11.78
C CYS B 189 0.07 8.59 10.70
N ALA B 190 -0.32 9.85 10.63
CA ALA B 190 0.21 10.73 9.62
C ALA B 190 1.72 10.76 9.79
N SER B 191 2.17 10.86 11.05
CA SER B 191 3.60 10.95 11.33
C SER B 191 4.34 9.67 10.97
N LYS B 192 3.74 8.52 11.26
CA LYS B 192 4.39 7.27 10.93
C LYS B 192 4.36 6.90 9.44
N PHE B 193 3.34 7.38 8.72
CA PHE B 193 3.31 7.28 7.25
C PHE B 193 4.45 8.11 6.67
N ALA B 194 4.63 9.31 7.23
CA ALA B 194 5.70 10.19 6.82
C ALA B 194 7.07 9.53 7.07
N VAL B 195 7.25 8.88 8.21
CA VAL B 195 8.53 8.26 8.52
C VAL B 195 8.81 7.15 7.53
N GLY B 196 7.77 6.39 7.23
CA GLY B 196 7.91 5.35 6.23
C GLY B 196 8.34 5.92 4.89
N ALA B 197 7.64 6.94 4.45
CA ALA B 197 7.89 7.51 3.12
C ALA B 197 9.31 8.06 3.03
N PHE B 198 9.69 8.84 4.03
CA PHE B 198 11.03 9.35 4.12
C PHE B 198 12.02 8.20 4.06
N THR B 199 11.73 7.15 4.83
CA THR B 199 12.62 6.02 4.85
C THR B 199 12.77 5.38 3.47
N ASP B 200 11.66 5.30 2.72
CA ASP B 200 11.66 4.65 1.44
C ASP B 200 12.44 5.49 0.43
N SER B 201 12.15 6.78 0.35
CA SER B 201 13.01 7.67 -0.47
C SER B 201 14.48 7.45 -0.15
N LEU B 202 14.82 7.48 1.14
CA LEU B 202 16.21 7.36 1.56
C LEU B 202 16.85 6.09 1.01
N ARG B 203 16.19 4.95 1.23
CA ARG B 203 16.73 3.70 0.72
C ARG B 203 16.91 3.80 -0.79
N LYS B 204 15.98 4.45 -1.47
CA LYS B 204 16.08 4.52 -2.92
C LYS B 204 17.23 5.42 -3.36
N GLU B 205 17.53 6.46 -2.58
CA GLU B 205 18.69 7.30 -2.87
C GLU B 205 20.06 6.61 -2.67
N LEU B 206 20.14 5.74 -1.68
CA LEU B 206 21.41 5.11 -1.30
C LEU B 206 21.77 3.76 -1.98
N ILE B 207 21.01 3.32 -2.97
CA ILE B 207 21.25 1.99 -3.59
C ILE B 207 22.66 1.88 -4.18
N ASN B 208 23.34 3.01 -4.35
CA ASN B 208 24.71 2.99 -4.85
C ASN B 208 25.72 3.02 -3.71
N THR B 209 25.24 2.91 -2.48
CA THR B 209 26.15 2.84 -1.35
C THR B 209 25.95 1.50 -0.65
N LYS B 210 26.75 1.24 0.37
CA LYS B 210 26.56 0.06 1.16
C LYS B 210 25.94 0.43 2.48
N ILE B 211 25.24 1.57 2.47
CA ILE B 211 24.56 2.04 3.66
C ILE B 211 23.18 1.41 3.71
N ARG B 212 22.86 0.77 4.83
CA ARG B 212 21.63 0.04 4.99
C ARG B 212 20.55 0.91 5.62
N VAL B 213 19.33 0.78 5.09
CA VAL B 213 18.19 1.59 5.51
C VAL B 213 17.06 0.66 5.92
N ILE B 214 16.71 0.69 7.19
CA ILE B 214 15.89 -0.34 7.80
C ILE B 214 14.72 0.26 8.56
N LEU B 215 13.51 -0.21 8.25
CA LEU B 215 12.30 0.28 8.89
C LEU B 215 11.74 -0.80 9.79
N ILE B 216 11.54 -0.45 11.06
CA ILE B 216 10.95 -1.35 12.03
C ILE B 216 9.53 -0.93 12.34
N ALA B 217 8.55 -1.80 12.11
CA ALA B 217 7.17 -1.38 12.33
C ALA B 217 6.42 -2.30 13.26
N PRO B 218 6.34 -1.94 14.54
CA PRO B 218 5.62 -2.76 15.53
C PRO B 218 4.10 -2.45 15.62
N GLY B 219 3.38 -3.38 16.23
CA GLY B 219 2.05 -3.13 16.71
C GLY B 219 2.17 -2.88 18.21
N LEU B 220 1.29 -3.48 19.01
CA LEU B 220 1.25 -3.25 20.44
C LEU B 220 2.50 -3.69 21.21
N VAL B 221 3.24 -2.72 21.73
CA VAL B 221 4.37 -3.00 22.61
C VAL B 221 4.11 -2.27 23.93
N GLU B 222 4.19 -2.95 25.07
CA GLU B 222 3.93 -2.27 26.33
C GLU B 222 5.19 -1.58 26.87
N THR B 223 5.25 -0.27 26.71
CA THR B 223 6.40 0.50 27.18
C THR B 223 5.89 1.67 27.99
N GLU B 224 6.50 2.83 27.81
CA GLU B 224 5.94 4.05 28.37
C GLU B 224 5.15 4.79 27.32
N PHE B 225 5.06 4.18 26.14
CA PHE B 225 4.39 4.78 24.98
C PHE B 225 2.94 5.16 25.27
N SER B 226 2.16 4.24 25.85
CA SER B 226 0.77 4.55 26.19
C SER B 226 0.66 5.51 27.38
N LEU B 227 1.58 5.38 28.33
CA LEU B 227 1.64 6.28 29.48
C LEU B 227 1.82 7.71 28.98
N VAL B 228 2.80 7.92 28.10
CA VAL B 228 3.00 9.24 27.52
C VAL B 228 1.75 9.69 26.75
N ARG B 229 1.19 8.77 25.98
CA ARG B 229 0.06 9.07 25.11
C ARG B 229 -1.12 9.62 25.92
N TYR B 230 -1.34 9.10 27.12
CA TYR B 230 -2.45 9.52 27.96
C TYR B 230 -2.01 10.36 29.16
N ARG B 231 -0.89 11.06 29.00
CA ARG B 231 -0.45 12.09 29.94
C ARG B 231 -0.26 11.58 31.35
N GLY B 232 0.27 10.39 31.51
CA GLY B 232 0.60 9.89 32.83
C GLY B 232 -0.52 9.13 33.53
N ASN B 233 -1.68 9.07 32.89
CA ASN B 233 -2.77 8.32 33.48
C ASN B 233 -2.50 6.82 33.33
N GLU B 234 -2.10 6.18 34.42
CA GLU B 234 -1.75 4.76 34.40
C GLU B 234 -2.94 3.89 34.03
N GLU B 235 -4.11 4.29 34.49
CA GLU B 235 -5.32 3.56 34.16
C GLU B 235 -5.45 3.39 32.66
N GLN B 236 -5.53 4.51 31.95
CA GLN B 236 -5.74 4.47 30.51
C GLN B 236 -4.61 3.73 29.79
N ALA B 237 -3.40 3.90 30.30
CA ALA B 237 -2.25 3.18 29.74
C ALA B 237 -2.46 1.66 29.85
N LYS B 238 -2.65 1.14 31.06
CA LYS B 238 -2.76 -0.31 31.22
C LYS B 238 -3.94 -0.85 30.42
N ASN B 239 -4.90 0.00 30.20
CA ASN B 239 -6.13 -0.40 29.55
C ASN B 239 -5.93 -0.78 28.09
N VAL B 240 -4.92 -0.17 27.47
CA VAL B 240 -4.62 -0.41 26.07
C VAL B 240 -4.23 -1.87 25.86
N TYR B 241 -3.63 -2.47 26.89
CA TYR B 241 -3.09 -3.85 26.82
C TYR B 241 -3.98 -4.89 27.52
N LYS B 242 -5.00 -4.40 28.22
CA LYS B 242 -5.94 -5.25 28.93
C LYS B 242 -6.39 -6.46 28.12
N ASP B 243 -6.24 -7.65 28.71
CA ASP B 243 -6.69 -8.91 28.12
C ASP B 243 -5.95 -9.31 26.84
N THR B 244 -4.73 -8.79 26.67
CA THR B 244 -3.90 -9.21 25.56
C THR B 244 -2.53 -9.51 26.12
N THR B 245 -1.71 -10.21 25.34
CA THR B 245 -0.29 -10.33 25.65
C THR B 245 0.55 -9.52 24.66
N PRO B 246 0.80 -8.24 24.96
CA PRO B 246 1.42 -7.44 23.90
C PRO B 246 2.90 -7.82 23.74
N LEU B 247 3.57 -7.18 22.81
CA LEU B 247 5.00 -7.33 22.69
C LEU B 247 5.58 -6.56 23.83
N MET B 248 6.77 -6.99 24.27
CA MET B 248 7.54 -6.21 25.24
C MET B 248 8.66 -5.52 24.46
N ALA B 249 9.23 -4.47 25.03
CA ALA B 249 10.31 -3.76 24.34
C ALA B 249 11.48 -4.64 23.87
N ASP B 250 11.84 -5.67 24.61
CA ASP B 250 12.97 -6.53 24.19
C ASP B 250 12.67 -7.33 22.93
N ASP B 251 11.38 -7.57 22.67
CA ASP B 251 10.94 -8.22 21.45
C ASP B 251 11.35 -7.37 20.22
N VAL B 252 11.08 -6.08 20.29
CA VAL B 252 11.45 -5.19 19.18
C VAL B 252 12.97 -5.00 19.13
N ALA B 253 13.60 -4.99 20.30
CA ALA B 253 15.05 -4.86 20.39
C ALA B 253 15.68 -6.06 19.68
N ASP B 254 15.13 -7.24 19.96
CA ASP B 254 15.60 -8.45 19.33
C ASP B 254 15.63 -8.31 17.79
N LEU B 255 14.59 -7.68 17.23
CA LEU B 255 14.46 -7.58 15.79
C LEU B 255 15.48 -6.60 15.27
N ILE B 256 15.66 -5.51 16.02
CA ILE B 256 16.58 -4.46 15.59
C ILE B 256 18.02 -4.97 15.54
N VAL B 257 18.41 -5.64 16.62
CA VAL B 257 19.74 -6.23 16.67
C VAL B 257 19.84 -7.32 15.58
N TYR B 258 18.77 -8.05 15.36
CA TYR B 258 18.82 -9.05 14.30
C TYR B 258 19.10 -8.39 12.96
N ALA B 259 18.34 -7.36 12.65
CA ALA B 259 18.48 -6.74 11.33
C ALA B 259 19.87 -6.17 11.13
N THR B 260 20.41 -5.57 12.19
CA THR B 260 21.68 -4.85 12.07
C THR B 260 22.90 -5.76 12.23
N SER B 261 22.68 -7.01 12.62
CA SER B 261 23.77 -7.97 12.68
C SER B 261 23.85 -8.94 11.48
N ARG B 262 23.02 -8.72 10.47
CA ARG B 262 23.16 -9.48 9.23
C ARG B 262 24.45 -9.04 8.52
N LYS B 263 25.00 -9.93 7.71
CA LYS B 263 26.11 -9.58 6.82
C LYS B 263 25.73 -8.33 6.02
N GLN B 264 26.73 -7.51 5.74
CA GLN B 264 26.52 -6.20 5.14
C GLN B 264 25.63 -6.18 3.90
N ASN B 265 25.74 -7.18 3.03
CA ASN B 265 25.00 -7.15 1.77
C ASN B 265 23.49 -7.34 1.96
N THR B 266 23.09 -7.83 3.12
CA THR B 266 21.70 -8.10 3.39
C THR B 266 21.01 -6.95 4.10
N VAL B 267 19.86 -6.57 3.57
CA VAL B 267 19.07 -5.53 4.21
C VAL B 267 17.71 -6.06 4.61
N ILE B 268 17.52 -6.26 5.90
CA ILE B 268 16.21 -6.51 6.46
C ILE B 268 15.48 -5.16 6.41
N ALA B 269 14.91 -4.84 5.24
CA ALA B 269 14.55 -3.49 4.89
C ALA B 269 13.33 -2.98 5.63
N ASP B 270 12.33 -3.84 5.78
CA ASP B 270 11.04 -3.38 6.27
C ASP B 270 10.31 -4.52 6.97
N THR B 271 10.21 -4.46 8.29
CA THR B 271 9.63 -5.57 9.05
C THR B 271 8.50 -5.12 9.94
N LEU B 272 7.38 -5.81 9.80
CA LEU B 272 6.21 -5.59 10.62
C LEU B 272 6.22 -6.67 11.70
N ILE B 273 6.25 -6.26 12.97
CA ILE B 273 6.29 -7.18 14.08
C ILE B 273 5.04 -6.99 14.97
N PHE B 274 4.39 -8.10 15.29
CA PHE B 274 3.09 -8.10 15.92
C PHE B 274 3.13 -9.10 17.06
N PRO B 275 2.39 -8.79 18.15
CA PRO B 275 2.05 -9.85 19.09
C PRO B 275 1.02 -10.77 18.42
N THR B 276 0.99 -12.04 18.79
CA THR B 276 0.26 -13.03 18.04
C THR B 276 -1.22 -12.73 17.95
N ASN B 277 -1.73 -11.96 18.92
CA ASN B 277 -3.16 -11.64 18.96
C ASN B 277 -3.57 -10.47 18.07
N GLN B 278 -2.61 -9.88 17.40
CA GLN B 278 -2.87 -8.69 16.60
C GLN B 278 -2.57 -8.96 15.13
N ALA B 279 -3.44 -8.49 14.24
CA ALA B 279 -3.18 -8.54 12.80
C ALA B 279 -3.26 -7.18 12.09
N SER B 280 -3.70 -6.15 12.79
CA SER B 280 -3.77 -4.79 12.24
C SER B 280 -4.21 -3.92 13.40
N PRO B 281 -4.34 -2.59 13.19
CA PRO B 281 -4.81 -1.73 14.28
C PRO B 281 -6.27 -2.04 14.55
N HIS B 282 -6.93 -2.68 13.59
CA HIS B 282 -8.37 -2.95 13.73
C HIS B 282 -8.64 -4.38 14.13
N HIS B 283 -7.60 -5.20 14.16
CA HIS B 283 -7.80 -6.62 14.39
C HIS B 283 -6.93 -7.09 15.55
N ILE B 284 -7.49 -6.94 16.74
CA ILE B 284 -6.80 -7.20 17.99
C ILE B 284 -7.69 -8.09 18.86
N PHE B 285 -7.29 -9.33 19.04
CA PHE B 285 -8.08 -10.26 19.83
C PHE B 285 -7.84 -10.07 21.30
N ARG B 286 -8.92 -9.94 22.06
CA ARG B 286 -8.79 -9.82 23.49
C ARG B 286 -9.39 -11.05 24.17
N GLY B 287 -8.58 -11.76 24.95
CA GLY B 287 -9.04 -12.97 25.58
C GLY B 287 -9.72 -12.74 26.93
N HIS C 20 -30.55 13.39 -23.94
CA HIS C 20 -29.71 12.46 -23.15
C HIS C 20 -28.23 12.78 -23.06
N MET C 21 -27.83 13.63 -22.12
CA MET C 21 -26.40 13.91 -21.93
C MET C 21 -26.06 14.03 -20.45
N SER C 22 -26.20 12.91 -19.75
CA SER C 22 -26.07 12.86 -18.29
C SER C 22 -24.79 13.50 -17.76
N GLN C 23 -23.77 13.64 -18.61
CA GLN C 23 -22.49 14.15 -18.13
C GLN C 23 -21.98 15.40 -18.85
N GLY C 24 -22.89 16.08 -19.56
CA GLY C 24 -22.55 17.29 -20.28
C GLY C 24 -22.17 17.03 -21.73
N ARG C 25 -22.15 18.09 -22.51
CA ARG C 25 -21.99 17.99 -23.95
C ARG C 25 -20.65 17.41 -24.37
N LYS C 26 -19.59 17.94 -23.79
CA LYS C 26 -18.21 17.58 -24.15
C LYS C 26 -17.98 16.09 -23.93
N ALA C 27 -18.45 15.55 -22.81
CA ALA C 27 -18.36 14.11 -22.55
C ALA C 27 -19.11 13.29 -23.62
N ALA C 28 -20.33 13.70 -23.95
CA ALA C 28 -21.09 13.10 -25.05
C ALA C 28 -20.33 13.13 -26.37
N GLU C 29 -19.73 14.27 -26.70
CA GLU C 29 -18.97 14.34 -27.94
C GLU C 29 -17.88 13.30 -27.93
N ARG C 30 -17.21 13.16 -26.79
CA ARG C 30 -16.04 12.29 -26.72
C ARG C 30 -16.42 10.81 -26.82
N LEU C 31 -17.65 10.49 -26.40
CA LEU C 31 -18.16 9.11 -26.38
C LEU C 31 -18.78 8.69 -27.71
N ALA C 32 -19.22 9.67 -28.50
CA ALA C 32 -20.06 9.38 -29.64
C ALA C 32 -19.43 8.37 -30.62
N LYS C 33 -20.22 7.38 -30.98
CA LYS C 33 -19.84 6.44 -32.01
C LYS C 33 -18.79 5.42 -31.62
N LYS C 34 -18.34 5.50 -30.37
CA LYS C 34 -17.38 4.52 -29.87
C LYS C 34 -18.05 3.17 -29.60
N THR C 35 -17.23 2.10 -29.59
CA THR C 35 -17.73 0.76 -29.35
C THR C 35 -17.22 0.31 -28.00
N VAL C 36 -18.15 -0.10 -27.15
CA VAL C 36 -17.82 -0.60 -25.83
C VAL C 36 -18.11 -2.09 -25.68
N LEU C 37 -17.15 -2.83 -25.13
CA LEU C 37 -17.39 -4.22 -24.82
C LEU C 37 -17.50 -4.42 -23.30
N ILE C 38 -18.66 -4.90 -22.86
CA ILE C 38 -18.91 -5.02 -21.45
C ILE C 38 -19.12 -6.47 -21.02
N THR C 39 -18.22 -6.98 -20.18
CA THR C 39 -18.46 -8.30 -19.56
C THR C 39 -19.29 -8.21 -18.27
N GLY C 40 -20.15 -9.21 -18.06
CA GLY C 40 -21.11 -9.23 -16.98
C GLY C 40 -22.19 -8.20 -17.23
N ALA C 41 -22.71 -8.17 -18.47
CA ALA C 41 -23.73 -7.17 -18.86
C ALA C 41 -25.15 -7.55 -18.47
N SER C 42 -25.34 -8.78 -17.99
CA SER C 42 -26.70 -9.25 -17.67
C SER C 42 -27.27 -8.70 -16.36
N ALA C 43 -26.41 -8.14 -15.51
CA ALA C 43 -26.90 -7.68 -14.21
C ALA C 43 -25.97 -6.66 -13.59
N GLY C 44 -26.41 -6.09 -12.47
CA GLY C 44 -25.58 -5.23 -11.64
C GLY C 44 -24.82 -4.14 -12.37
N ILE C 45 -23.51 -4.06 -12.13
CA ILE C 45 -22.76 -2.91 -12.59
C ILE C 45 -22.60 -2.90 -14.10
N GLY C 46 -22.35 -4.09 -14.69
CA GLY C 46 -22.21 -4.23 -16.12
C GLY C 46 -23.45 -3.69 -16.85
N LYS C 47 -24.61 -4.20 -16.45
CA LYS C 47 -25.89 -3.72 -16.98
C LYS C 47 -26.10 -2.21 -16.78
N ALA C 48 -25.87 -1.72 -15.58
CA ALA C 48 -25.98 -0.28 -15.34
C ALA C 48 -25.04 0.50 -16.28
N THR C 49 -23.86 -0.04 -16.53
CA THR C 49 -22.87 0.67 -17.30
C THR C 49 -23.26 0.80 -18.77
N ALA C 50 -23.88 -0.25 -19.32
CA ALA C 50 -24.41 -0.19 -20.66
C ALA C 50 -25.43 0.95 -20.77
N LEU C 51 -26.36 1.00 -19.83
CA LEU C 51 -27.38 2.03 -19.82
C LEU C 51 -26.79 3.41 -19.65
N GLU C 52 -25.83 3.56 -18.73
CA GLU C 52 -25.24 4.86 -18.45
C GLU C 52 -24.45 5.41 -19.67
N TYR C 53 -23.75 4.53 -20.38
CA TYR C 53 -23.07 4.92 -21.60
C TYR C 53 -24.03 5.57 -22.58
N LEU C 54 -25.23 5.02 -22.71
CA LEU C 54 -26.23 5.63 -23.57
C LEU C 54 -26.74 6.96 -22.98
N GLU C 55 -26.98 7.01 -21.68
CA GLU C 55 -27.41 8.26 -21.04
C GLU C 55 -26.45 9.40 -21.28
N ALA C 56 -25.18 9.07 -21.46
CA ALA C 56 -24.13 10.08 -21.53
C ALA C 56 -23.72 10.50 -22.94
N SER C 57 -24.26 9.81 -23.93
CA SER C 57 -23.79 9.92 -25.31
C SER C 57 -24.96 10.12 -26.26
N ASN C 58 -26.12 10.39 -25.69
CA ASN C 58 -27.35 10.49 -26.44
C ASN C 58 -27.61 9.27 -27.31
N GLY C 59 -27.32 8.08 -26.75
CA GLY C 59 -27.66 6.84 -27.41
C GLY C 59 -26.72 6.46 -28.54
N ASP C 60 -25.77 7.35 -28.80
CA ASP C 60 -24.94 7.21 -29.98
C ASP C 60 -23.64 6.42 -29.75
N MET C 61 -23.79 5.16 -29.36
CA MET C 61 -22.65 4.25 -29.24
C MET C 61 -23.00 2.85 -29.74
N LYS C 62 -22.00 1.99 -29.74
CA LYS C 62 -22.21 0.59 -30.07
C LYS C 62 -21.77 -0.23 -28.87
N LEU C 63 -22.67 -1.10 -28.42
CA LEU C 63 -22.43 -1.91 -27.24
C LEU C 63 -22.36 -3.40 -27.54
N ILE C 64 -21.34 -4.05 -27.03
CA ILE C 64 -21.25 -5.51 -27.04
C ILE C 64 -21.48 -6.01 -25.62
N LEU C 65 -22.62 -6.63 -25.41
CA LEU C 65 -23.02 -7.08 -24.08
C LEU C 65 -22.78 -8.58 -23.93
N ALA C 66 -21.86 -8.95 -23.05
CA ALA C 66 -21.56 -10.36 -22.84
C ALA C 66 -21.84 -10.80 -21.40
N ALA C 67 -22.42 -11.99 -21.27
CA ALA C 67 -22.66 -12.65 -19.99
C ALA C 67 -23.16 -14.09 -20.29
N ARG C 68 -23.44 -14.88 -19.28
CA ARG C 68 -23.99 -16.22 -19.53
C ARG C 68 -25.52 -16.26 -19.74
N ARG C 69 -26.27 -15.43 -19.03
CA ARG C 69 -27.74 -15.46 -19.12
C ARG C 69 -28.26 -14.72 -20.34
N LEU C 70 -28.46 -15.45 -21.44
CA LEU C 70 -28.83 -14.86 -22.70
C LEU C 70 -30.13 -14.05 -22.65
N GLU C 71 -31.11 -14.53 -21.88
CA GLU C 71 -32.40 -13.85 -21.84
C GLU C 71 -32.23 -12.50 -21.21
N LYS C 72 -31.44 -12.43 -20.14
CA LYS C 72 -31.19 -11.16 -19.49
C LYS C 72 -30.57 -10.18 -20.49
N LEU C 73 -29.61 -10.65 -21.29
CA LEU C 73 -29.02 -9.80 -22.32
C LEU C 73 -30.07 -9.33 -23.33
N GLU C 74 -30.90 -10.27 -23.79
CA GLU C 74 -31.92 -9.95 -24.78
C GLU C 74 -32.86 -8.87 -24.25
N GLU C 75 -33.29 -9.06 -23.01
CA GLU C 75 -34.19 -8.16 -22.34
C GLU C 75 -33.57 -6.75 -22.28
N LEU C 76 -32.27 -6.69 -22.00
CA LEU C 76 -31.58 -5.43 -21.93
C LEU C 76 -31.57 -4.76 -23.30
N LYS C 77 -31.28 -5.56 -24.32
CA LYS C 77 -31.19 -5.04 -25.67
C LYS C 77 -32.52 -4.45 -26.09
N LYS C 78 -33.60 -5.14 -25.71
CA LYS C 78 -34.92 -4.71 -26.07
C LYS C 78 -35.20 -3.37 -25.39
N THR C 79 -34.84 -3.28 -24.12
CA THR C 79 -34.98 -2.03 -23.37
C THR C 79 -34.23 -0.92 -24.08
N ILE C 80 -32.99 -1.20 -24.42
CA ILE C 80 -32.15 -0.24 -25.12
C ILE C 80 -32.75 0.12 -26.47
N ASP C 81 -33.24 -0.89 -27.19
CA ASP C 81 -33.74 -0.64 -28.53
C ASP C 81 -34.84 0.41 -28.57
N GLN C 82 -35.77 0.36 -27.64
CA GLN C 82 -36.87 1.30 -27.64
C GLN C 82 -36.48 2.62 -27.00
N GLU C 83 -35.62 2.56 -25.99
CA GLU C 83 -35.19 3.77 -25.32
C GLU C 83 -34.17 4.58 -26.14
N PHE C 84 -33.31 3.89 -26.88
CA PHE C 84 -32.24 4.57 -27.63
C PHE C 84 -32.16 4.10 -29.06
N PRO C 85 -33.11 4.53 -29.88
CA PRO C 85 -33.27 4.00 -31.24
C PRO C 85 -31.97 4.02 -32.01
N ASN C 86 -31.17 5.06 -31.79
CA ASN C 86 -29.94 5.24 -32.52
C ASN C 86 -28.76 4.42 -31.96
N ALA C 87 -29.00 3.63 -30.91
CA ALA C 87 -27.96 2.79 -30.37
C ALA C 87 -27.93 1.48 -31.15
N LYS C 88 -26.74 0.91 -31.27
CA LYS C 88 -26.57 -0.43 -31.84
C LYS C 88 -25.97 -1.38 -30.83
N VAL C 89 -26.67 -2.48 -30.58
CA VAL C 89 -26.34 -3.43 -29.52
C VAL C 89 -26.14 -4.84 -30.04
N HIS C 90 -24.97 -5.40 -29.79
CA HIS C 90 -24.71 -6.79 -30.12
C HIS C 90 -24.66 -7.63 -28.86
N VAL C 91 -25.60 -8.55 -28.74
CA VAL C 91 -25.70 -9.41 -27.57
C VAL C 91 -24.91 -10.70 -27.76
N ALA C 92 -24.17 -11.13 -26.74
CA ALA C 92 -23.30 -12.31 -26.88
C ALA C 92 -23.30 -13.22 -25.66
N GLN C 93 -23.84 -14.42 -25.80
CA GLN C 93 -23.80 -15.38 -24.70
C GLN C 93 -22.41 -15.98 -24.59
N LEU C 94 -21.72 -15.65 -23.50
CA LEU C 94 -20.33 -16.06 -23.32
C LEU C 94 -20.02 -16.32 -21.87
N ASP C 95 -19.43 -17.49 -21.61
CA ASP C 95 -18.87 -17.78 -20.30
C ASP C 95 -17.37 -17.52 -20.42
N ILE C 96 -16.92 -16.41 -19.84
CA ILE C 96 -15.56 -15.93 -20.08
C ILE C 96 -14.54 -16.88 -19.47
N THR C 97 -15.06 -17.78 -18.65
CA THR C 97 -14.29 -18.86 -18.05
C THR C 97 -13.82 -19.88 -19.06
N GLN C 98 -14.47 -19.92 -20.22
CA GLN C 98 -14.11 -20.90 -21.23
C GLN C 98 -13.04 -20.28 -22.14
N ALA C 99 -11.80 -20.46 -21.73
CA ALA C 99 -10.69 -19.73 -22.30
C ALA C 99 -10.66 -19.84 -23.82
N GLU C 100 -10.88 -21.05 -24.30
CA GLU C 100 -10.68 -21.37 -25.70
C GLU C 100 -11.64 -20.59 -26.60
N LYS C 101 -12.72 -20.05 -26.01
CA LYS C 101 -13.72 -19.32 -26.80
C LYS C 101 -13.45 -17.82 -26.91
N ILE C 102 -12.53 -17.30 -26.10
CA ILE C 102 -12.26 -15.87 -26.04
C ILE C 102 -11.74 -15.30 -27.37
N LYS C 103 -10.65 -15.85 -27.86
CA LYS C 103 -10.02 -15.31 -29.05
C LYS C 103 -11.00 -15.35 -30.22
N PRO C 104 -11.61 -16.52 -30.45
CA PRO C 104 -12.64 -16.60 -31.51
C PRO C 104 -13.78 -15.62 -31.29
N PHE C 105 -14.25 -15.48 -30.06
CA PHE C 105 -15.30 -14.50 -29.78
C PHE C 105 -14.93 -13.14 -30.35
N ILE C 106 -13.73 -12.67 -30.03
CA ILE C 106 -13.32 -11.35 -30.51
C ILE C 106 -13.22 -11.31 -32.03
N GLU C 107 -12.48 -12.27 -32.58
CA GLU C 107 -12.23 -12.34 -34.03
C GLU C 107 -13.51 -12.43 -34.83
N ASN C 108 -14.56 -12.94 -34.20
CA ASN C 108 -15.82 -13.17 -34.90
C ASN C 108 -16.93 -12.14 -34.68
N LEU C 109 -16.63 -11.07 -33.94
CA LEU C 109 -17.56 -9.96 -33.87
C LEU C 109 -18.02 -9.50 -35.28
N PRO C 110 -19.32 -9.24 -35.41
CA PRO C 110 -19.82 -8.69 -36.67
C PRO C 110 -19.02 -7.46 -37.06
N GLN C 111 -18.77 -7.29 -38.34
CA GLN C 111 -17.95 -6.20 -38.84
C GLN C 111 -18.22 -4.91 -38.08
N GLU C 112 -19.50 -4.58 -37.94
CA GLU C 112 -19.92 -3.33 -37.34
C GLU C 112 -19.37 -3.09 -35.91
N PHE C 113 -19.12 -4.17 -35.17
CA PHE C 113 -18.71 -4.06 -33.77
C PHE C 113 -17.25 -4.44 -33.55
N LYS C 114 -16.52 -4.71 -34.63
CA LYS C 114 -15.15 -5.21 -34.52
C LYS C 114 -14.15 -4.20 -33.93
N ASP C 115 -14.44 -2.91 -34.09
CA ASP C 115 -13.49 -1.87 -33.71
C ASP C 115 -13.69 -1.35 -32.28
N ILE C 116 -13.50 -2.25 -31.32
CA ILE C 116 -13.72 -1.95 -29.92
C ILE C 116 -12.89 -0.75 -29.51
N ASP C 117 -13.48 0.14 -28.70
CA ASP C 117 -12.80 1.32 -28.17
C ASP C 117 -12.63 1.25 -26.65
N ILE C 118 -13.56 0.60 -25.98
CA ILE C 118 -13.53 0.54 -24.54
C ILE C 118 -13.85 -0.85 -24.12
N LEU C 119 -12.95 -1.46 -23.34
CA LEU C 119 -13.21 -2.78 -22.75
C LEU C 119 -13.51 -2.62 -21.27
N VAL C 120 -14.68 -3.07 -20.82
CA VAL C 120 -14.99 -3.06 -19.39
C VAL C 120 -14.99 -4.49 -18.78
N ASN C 121 -13.87 -4.85 -18.16
CA ASN C 121 -13.76 -6.14 -17.51
C ASN C 121 -14.49 -6.11 -16.17
N ASN C 122 -15.81 -6.23 -16.25
CA ASN C 122 -16.70 -6.12 -15.10
C ASN C 122 -17.16 -7.49 -14.54
N ALA C 123 -17.33 -8.50 -15.39
CA ALA C 123 -17.75 -9.83 -14.91
C ALA C 123 -16.84 -10.30 -13.77
N GLY C 124 -17.46 -10.70 -12.67
CA GLY C 124 -16.70 -11.06 -11.48
C GLY C 124 -17.64 -11.49 -10.37
N LYS C 125 -17.08 -12.11 -9.33
CA LYS C 125 -17.94 -12.63 -8.27
C LYS C 125 -17.13 -12.95 -7.04
N ALA C 126 -17.87 -13.24 -5.97
CA ALA C 126 -17.28 -13.81 -4.77
C ALA C 126 -18.18 -14.99 -4.39
N LEU C 127 -17.57 -16.04 -3.87
CA LEU C 127 -18.34 -17.20 -3.44
C LEU C 127 -18.11 -17.50 -1.96
N GLY C 128 -19.15 -17.30 -1.16
CA GLY C 128 -19.12 -17.61 0.24
C GLY C 128 -18.30 -16.64 1.08
N SER C 129 -18.29 -16.88 2.39
CA SER C 129 -17.51 -16.10 3.34
C SER C 129 -16.81 -17.03 4.32
N ASP C 130 -16.30 -18.14 3.79
CA ASP C 130 -15.62 -19.12 4.58
C ASP C 130 -14.20 -18.70 5.01
N ARG C 131 -13.85 -19.00 6.25
CA ARG C 131 -12.51 -18.78 6.71
C ARG C 131 -11.61 -19.84 6.10
N VAL C 132 -10.33 -19.52 5.96
CA VAL C 132 -9.35 -20.48 5.45
C VAL C 132 -9.47 -21.75 6.28
N GLY C 133 -9.39 -22.89 5.61
CA GLY C 133 -9.62 -24.17 6.26
C GLY C 133 -10.97 -24.72 5.83
N GLN C 134 -11.91 -23.81 5.58
CA GLN C 134 -13.30 -24.17 5.22
C GLN C 134 -13.67 -23.86 3.77
N ILE C 135 -12.70 -23.55 2.93
CA ILE C 135 -13.04 -23.05 1.61
C ILE C 135 -13.07 -24.16 0.56
N ALA C 136 -14.19 -24.26 -0.13
CA ALA C 136 -14.38 -25.29 -1.17
C ALA C 136 -13.48 -25.03 -2.36
N THR C 137 -12.82 -26.08 -2.86
CA THR C 137 -11.90 -25.93 -3.97
C THR C 137 -12.60 -25.36 -5.20
N GLU C 138 -13.87 -25.71 -5.38
CA GLU C 138 -14.64 -25.21 -6.54
C GLU C 138 -14.77 -23.71 -6.45
N ASP C 139 -15.03 -23.23 -5.25
CA ASP C 139 -15.17 -21.80 -5.01
C ASP C 139 -13.85 -21.07 -5.25
N ILE C 140 -12.73 -21.68 -4.89
CA ILE C 140 -11.43 -21.11 -5.21
C ILE C 140 -11.22 -21.00 -6.72
N GLN C 141 -11.47 -22.07 -7.48
CA GLN C 141 -11.25 -22.03 -8.93
C GLN C 141 -12.17 -21.03 -9.63
N ASP C 142 -13.43 -21.03 -9.24
CA ASP C 142 -14.42 -20.24 -9.91
C ASP C 142 -14.10 -18.74 -9.73
N VAL C 143 -13.80 -18.35 -8.51
CA VAL C 143 -13.50 -16.96 -8.23
C VAL C 143 -12.22 -16.51 -8.94
N PHE C 144 -11.15 -17.29 -8.83
CA PHE C 144 -9.93 -16.94 -9.55
C PHE C 144 -10.04 -16.96 -11.07
N ASP C 145 -10.75 -17.96 -11.60
CA ASP C 145 -10.89 -18.09 -13.05
C ASP C 145 -11.69 -16.94 -13.60
N THR C 146 -12.76 -16.57 -12.92
CA THR C 146 -13.60 -15.50 -13.42
C THR C 146 -12.94 -14.15 -13.18
N ASN C 147 -12.47 -13.93 -11.96
CA ASN C 147 -11.97 -12.61 -11.56
C ASN C 147 -10.59 -12.26 -12.15
N VAL C 148 -9.75 -13.27 -12.39
CA VAL C 148 -8.36 -13.01 -12.73
C VAL C 148 -7.98 -13.60 -14.05
N THR C 149 -7.96 -14.94 -14.13
CA THR C 149 -7.58 -15.57 -15.38
C THR C 149 -8.42 -15.08 -16.60
N ALA C 150 -9.74 -15.09 -16.48
CA ALA C 150 -10.59 -14.65 -17.59
C ALA C 150 -10.34 -13.17 -17.89
N LEU C 151 -10.26 -12.37 -16.83
CA LEU C 151 -9.95 -10.95 -17.03
C LEU C 151 -8.69 -10.73 -17.88
N ILE C 152 -7.67 -11.52 -17.60
CA ILE C 152 -6.42 -11.41 -18.32
C ILE C 152 -6.54 -11.95 -19.74
N ASN C 153 -7.24 -13.07 -19.90
CA ASN C 153 -7.48 -13.61 -21.24
C ASN C 153 -8.21 -12.62 -22.14
N ILE C 154 -9.29 -12.07 -21.61
CA ILE C 154 -10.07 -11.14 -22.37
C ILE C 154 -9.24 -9.92 -22.72
N THR C 155 -8.52 -9.42 -21.72
CA THR C 155 -7.60 -8.33 -21.95
C THR C 155 -6.58 -8.62 -23.06
N GLN C 156 -5.91 -9.76 -23.00
CA GLN C 156 -4.94 -10.05 -24.03
C GLN C 156 -5.59 -10.17 -25.41
N ALA C 157 -6.81 -10.70 -25.48
CA ALA C 157 -7.48 -10.86 -26.78
C ALA C 157 -7.92 -9.51 -27.42
N VAL C 158 -8.26 -8.52 -26.60
CA VAL C 158 -8.68 -7.22 -27.11
C VAL C 158 -7.50 -6.29 -27.40
N LEU C 159 -6.49 -6.35 -26.57
CA LEU C 159 -5.34 -5.41 -26.63
C LEU C 159 -4.79 -5.12 -28.03
N PRO C 160 -4.62 -6.16 -28.85
CA PRO C 160 -4.10 -5.92 -30.20
C PRO C 160 -4.91 -4.88 -30.96
N ILE C 161 -6.23 -4.89 -30.76
CA ILE C 161 -7.07 -3.89 -31.40
C ILE C 161 -6.65 -2.48 -31.00
N PHE C 162 -6.38 -2.30 -29.72
CA PHE C 162 -5.99 -1.01 -29.19
C PHE C 162 -4.59 -0.62 -29.69
N GLN C 163 -3.69 -1.58 -29.72
CA GLN C 163 -2.32 -1.30 -30.09
C GLN C 163 -2.24 -0.94 -31.58
N ALA C 164 -3.10 -1.54 -32.39
CA ALA C 164 -3.11 -1.26 -33.81
C ALA C 164 -3.44 0.20 -34.05
N LYS C 165 -4.41 0.74 -33.32
CA LYS C 165 -4.84 2.12 -33.53
C LYS C 165 -4.32 3.11 -32.47
N ASN C 166 -3.39 2.63 -31.63
CA ASN C 166 -2.88 3.43 -30.52
C ASN C 166 -3.94 4.25 -29.77
N SER C 167 -5.03 3.59 -29.42
CA SER C 167 -6.06 4.20 -28.57
C SER C 167 -6.98 3.10 -27.97
N GLY C 168 -7.74 3.46 -26.95
CA GLY C 168 -8.61 2.50 -26.31
C GLY C 168 -8.48 2.61 -24.80
N ASP C 169 -9.56 2.29 -24.10
CA ASP C 169 -9.57 2.23 -22.64
C ASP C 169 -9.75 0.80 -22.17
N ILE C 170 -8.90 0.38 -21.24
CA ILE C 170 -9.10 -0.88 -20.53
C ILE C 170 -9.58 -0.60 -19.10
N VAL C 171 -10.81 -0.99 -18.79
CA VAL C 171 -11.40 -0.70 -17.47
C VAL C 171 -11.57 -1.99 -16.67
N ASN C 172 -10.84 -2.09 -15.57
CA ASN C 172 -10.93 -3.27 -14.72
C ASN C 172 -11.61 -3.01 -13.38
N LEU C 173 -12.57 -3.88 -13.06
CA LEU C 173 -13.27 -3.78 -11.80
C LEU C 173 -12.44 -4.48 -10.73
N GLY C 174 -11.79 -3.68 -9.90
CA GLY C 174 -11.19 -4.15 -8.67
C GLY C 174 -12.21 -3.98 -7.55
N SER C 175 -11.73 -3.67 -6.36
CA SER C 175 -12.58 -3.58 -5.19
C SER C 175 -11.76 -2.97 -4.11
N ILE C 176 -12.42 -2.39 -3.11
CA ILE C 176 -11.71 -2.03 -1.89
C ILE C 176 -10.94 -3.27 -1.36
N ALA C 177 -11.49 -4.47 -1.60
CA ALA C 177 -10.86 -5.70 -1.15
C ALA C 177 -9.53 -5.92 -1.84
N GLY C 178 -9.29 -5.23 -2.94
CA GLY C 178 -8.01 -5.35 -3.61
C GLY C 178 -6.85 -4.56 -3.01
N ARG C 179 -7.06 -3.84 -1.92
CA ARG C 179 -5.97 -3.10 -1.31
C ARG C 179 -6.03 -3.15 0.18
N ASP C 180 -7.11 -3.70 0.73
CA ASP C 180 -7.30 -3.83 2.18
C ASP C 180 -8.02 -5.17 2.46
N ALA C 181 -7.25 -6.21 2.73
CA ALA C 181 -7.85 -7.54 2.90
C ALA C 181 -8.61 -7.71 4.23
N TYR C 182 -9.57 -8.63 4.25
CA TYR C 182 -10.35 -8.82 5.45
C TYR C 182 -10.57 -10.28 5.70
N PRO C 183 -10.77 -10.66 6.97
CA PRO C 183 -10.98 -12.07 7.31
C PRO C 183 -12.28 -12.55 6.73
N THR C 184 -12.35 -13.83 6.35
CA THR C 184 -13.50 -14.45 5.65
C THR C 184 -13.60 -14.10 4.16
N GLY C 185 -12.71 -13.26 3.67
CA GLY C 185 -12.68 -12.90 2.27
C GLY C 185 -11.37 -13.19 1.56
N SER C 186 -10.62 -14.17 2.06
CA SER C 186 -9.26 -14.40 1.58
C SER C 186 -9.13 -14.57 0.06
N ILE C 187 -9.97 -15.44 -0.50
CA ILE C 187 -9.93 -15.72 -1.92
C ILE C 187 -10.33 -14.50 -2.75
N TYR C 188 -11.48 -13.91 -2.42
CA TYR C 188 -11.96 -12.73 -3.14
C TYR C 188 -10.91 -11.63 -3.07
N CYS C 189 -10.40 -11.36 -1.86
CA CYS C 189 -9.38 -10.33 -1.70
C CYS C 189 -8.13 -10.68 -2.52
N ALA C 190 -7.72 -11.95 -2.47
CA ALA C 190 -6.54 -12.37 -3.22
C ALA C 190 -6.78 -12.10 -4.69
N SER C 191 -8.01 -12.34 -5.13
CA SER C 191 -8.32 -12.14 -6.54
C SER C 191 -8.31 -10.66 -6.93
N LYS C 192 -8.86 -9.81 -6.07
CA LYS C 192 -8.88 -8.39 -6.40
C LYS C 192 -7.53 -7.71 -6.25
N PHE C 193 -6.69 -8.21 -5.33
CA PHE C 193 -5.29 -7.76 -5.23
C PHE C 193 -4.55 -8.09 -6.51
N ALA C 194 -4.81 -9.28 -7.01
CA ALA C 194 -4.24 -9.72 -8.28
C ALA C 194 -4.67 -8.83 -9.43
N VAL C 195 -5.98 -8.51 -9.49
CA VAL C 195 -6.48 -7.68 -10.57
C VAL C 195 -5.82 -6.32 -10.54
N GLY C 196 -5.67 -5.78 -9.34
CA GLY C 196 -5.03 -4.50 -9.18
C GLY C 196 -3.59 -4.55 -9.68
N ALA C 197 -2.86 -5.58 -9.28
CA ALA C 197 -1.45 -5.66 -9.63
C ALA C 197 -1.26 -5.80 -11.15
N PHE C 198 -2.03 -6.70 -11.74
CA PHE C 198 -2.02 -6.89 -13.17
C PHE C 198 -2.34 -5.56 -13.84
N THR C 199 -3.33 -4.86 -13.29
CA THR C 199 -3.69 -3.58 -13.87
C THR C 199 -2.54 -2.60 -13.80
N ASP C 200 -1.83 -2.61 -12.68
CA ASP C 200 -0.72 -1.68 -12.47
C ASP C 200 0.44 -1.98 -13.43
N SER C 201 0.80 -3.27 -13.57
CA SER C 201 1.84 -3.62 -14.54
C SER C 201 1.42 -3.14 -15.91
N LEU C 202 0.17 -3.42 -16.27
CA LEU C 202 -0.32 -3.09 -17.60
C LEU C 202 -0.15 -1.60 -17.86
N ARG C 203 -0.60 -0.77 -16.93
CA ARG C 203 -0.47 0.67 -17.12
C ARG C 203 1.00 1.06 -17.28
N LYS C 204 1.88 0.44 -16.50
CA LYS C 204 3.30 0.73 -16.62
C LYS C 204 3.89 0.29 -17.96
N GLU C 205 3.34 -0.77 -18.55
CA GLU C 205 3.81 -1.21 -19.86
C GLU C 205 3.40 -0.25 -20.98
N LEU C 206 2.23 0.37 -20.83
CA LEU C 206 1.62 1.12 -21.90
C LEU C 206 1.91 2.63 -21.92
N ILE C 207 2.80 3.09 -21.05
CA ILE C 207 3.08 4.53 -20.96
C ILE C 207 3.54 5.15 -22.27
N ASN C 208 3.95 4.32 -23.22
CA ASN C 208 4.41 4.84 -24.52
C ASN C 208 3.27 4.82 -25.54
N THR C 209 2.08 4.43 -25.12
CA THR C 209 0.94 4.44 -25.98
C THR C 209 -0.08 5.41 -25.44
N LYS C 210 -1.17 5.57 -26.18
CA LYS C 210 -2.25 6.42 -25.71
C LYS C 210 -3.39 5.56 -25.25
N ILE C 211 -3.07 4.33 -24.87
CA ILE C 211 -4.08 3.43 -24.35
C ILE C 211 -4.23 3.68 -22.87
N ARG C 212 -5.46 3.90 -22.42
CA ARG C 212 -5.72 4.23 -21.03
C ARG C 212 -6.04 3.00 -20.24
N VAL C 213 -5.49 2.94 -19.03
CA VAL C 213 -5.65 1.81 -18.15
C VAL C 213 -6.23 2.30 -16.83
N ILE C 214 -7.45 1.84 -16.52
CA ILE C 214 -8.28 2.42 -15.48
C ILE C 214 -8.76 1.32 -14.52
N LEU C 215 -8.54 1.52 -13.22
CA LEU C 215 -9.01 0.60 -12.18
C LEU C 215 -10.13 1.22 -11.34
N ILE C 216 -11.27 0.53 -11.29
CA ILE C 216 -12.43 0.99 -10.55
C ILE C 216 -12.56 0.14 -9.27
N ALA C 217 -12.50 0.77 -8.10
CA ALA C 217 -12.56 -0.02 -6.86
C ALA C 217 -13.67 0.40 -5.91
N PRO C 218 -14.81 -0.28 -5.99
CA PRO C 218 -15.97 0.07 -5.16
C PRO C 218 -15.93 -0.64 -3.80
N GLY C 219 -16.71 -0.10 -2.86
CA GLY C 219 -17.05 -0.78 -1.64
C GLY C 219 -18.44 -1.40 -1.84
N LEU C 220 -19.30 -1.30 -0.84
CA LEU C 220 -20.64 -1.87 -0.89
C LEU C 220 -21.53 -1.34 -2.03
N VAL C 221 -21.80 -2.17 -3.02
CA VAL C 221 -22.79 -1.89 -4.05
C VAL C 221 -23.85 -2.99 -4.03
N GLU C 222 -25.13 -2.62 -3.97
CA GLU C 222 -26.18 -3.64 -3.92
C GLU C 222 -26.58 -4.08 -5.33
N THR C 223 -26.15 -5.27 -5.69
CA THR C 223 -26.42 -5.79 -7.01
C THR C 223 -26.88 -7.23 -6.82
N GLU C 224 -26.44 -8.12 -7.71
CA GLU C 224 -26.65 -9.53 -7.49
C GLU C 224 -25.40 -10.14 -6.89
N PHE C 225 -24.41 -9.30 -6.64
CA PHE C 225 -23.13 -9.72 -6.09
C PHE C 225 -23.25 -10.53 -4.81
N SER C 226 -24.02 -10.03 -3.84
CA SER C 226 -24.19 -10.75 -2.58
C SER C 226 -25.11 -11.95 -2.71
N LEU C 227 -26.06 -11.87 -3.63
CA LEU C 227 -26.94 -13.00 -3.94
C LEU C 227 -26.15 -14.18 -4.50
N VAL C 228 -25.29 -13.88 -5.48
CA VAL C 228 -24.35 -14.88 -5.98
C VAL C 228 -23.45 -15.42 -4.85
N ARG C 229 -22.93 -14.51 -4.03
CA ARG C 229 -21.95 -14.84 -3.01
C ARG C 229 -22.51 -15.84 -2.01
N TYR C 230 -23.79 -15.69 -1.70
CA TYR C 230 -24.46 -16.62 -0.77
C TYR C 230 -25.42 -17.62 -1.44
N ARG C 231 -25.12 -17.98 -2.68
CA ARG C 231 -25.79 -19.06 -3.40
C ARG C 231 -27.30 -18.90 -3.50
N GLY C 232 -27.76 -17.68 -3.74
CA GLY C 232 -29.18 -17.46 -3.95
C GLY C 232 -29.99 -17.20 -2.68
N ASN C 233 -29.35 -17.31 -1.53
CA ASN C 233 -30.07 -17.01 -0.30
C ASN C 233 -30.32 -15.51 -0.16
N GLU C 234 -31.56 -15.10 -0.43
CA GLU C 234 -31.92 -13.69 -0.41
C GLU C 234 -31.77 -13.07 0.96
N GLU C 235 -32.04 -13.85 2.00
CA GLU C 235 -31.85 -13.41 3.37
C GLU C 235 -30.44 -12.91 3.57
N GLN C 236 -29.46 -13.78 3.40
CA GLN C 236 -28.07 -13.42 3.63
C GLN C 236 -27.65 -12.26 2.74
N ALA C 237 -28.15 -12.25 1.51
CA ALA C 237 -27.87 -11.16 0.60
C ALA C 237 -28.34 -9.80 1.14
N LYS C 238 -29.63 -9.66 1.43
CA LYS C 238 -30.16 -8.40 1.93
C LYS C 238 -29.50 -7.97 3.25
N ASN C 239 -29.07 -8.96 4.01
CA ASN C 239 -28.43 -8.74 5.28
C ASN C 239 -27.12 -7.99 5.22
N VAL C 240 -26.40 -8.13 4.10
CA VAL C 240 -25.13 -7.44 3.91
C VAL C 240 -25.31 -5.91 3.93
N TYR C 241 -26.49 -5.46 3.48
CA TYR C 241 -26.78 -4.05 3.29
C TYR C 241 -27.70 -3.50 4.38
N LYS C 242 -28.22 -4.39 5.22
CA LYS C 242 -29.09 -4.00 6.33
C LYS C 242 -28.59 -2.78 7.09
N ASP C 243 -29.47 -1.78 7.21
CA ASP C 243 -29.21 -0.56 8.00
C ASP C 243 -28.11 0.34 7.42
N THR C 244 -27.86 0.23 6.11
CA THR C 244 -26.91 1.10 5.45
C THR C 244 -27.58 1.55 4.18
N THR C 245 -27.06 2.60 3.57
CA THR C 245 -27.48 2.95 2.22
C THR C 245 -26.33 2.69 1.28
N PRO C 246 -26.28 1.49 0.69
CA PRO C 246 -25.09 1.20 -0.11
C PRO C 246 -25.14 1.96 -1.42
N LEU C 247 -24.07 1.80 -2.20
CA LEU C 247 -24.02 2.29 -3.57
C LEU C 247 -24.97 1.42 -4.36
N MET C 248 -25.54 2.00 -5.42
CA MET C 248 -26.32 1.23 -6.38
C MET C 248 -25.46 1.09 -7.62
N ALA C 249 -25.75 0.10 -8.44
CA ALA C 249 -24.95 -0.10 -9.66
C ALA C 249 -24.73 1.15 -10.53
N ASP C 250 -25.75 1.99 -10.70
CA ASP C 250 -25.60 3.19 -11.52
C ASP C 250 -24.56 4.22 -10.95
N ASP C 251 -24.34 4.20 -9.64
CA ASP C 251 -23.26 4.99 -9.06
C ASP C 251 -21.87 4.57 -9.60
N VAL C 252 -21.64 3.27 -9.73
CA VAL C 252 -20.36 2.81 -10.25
C VAL C 252 -20.33 3.03 -11.76
N ALA C 253 -21.49 2.85 -12.40
CA ALA C 253 -21.61 3.10 -13.83
C ALA C 253 -21.23 4.55 -14.09
N ASP C 254 -21.80 5.45 -13.29
CA ASP C 254 -21.51 6.87 -13.41
C ASP C 254 -20.00 7.12 -13.45
N LEU C 255 -19.26 6.45 -12.57
CA LEU C 255 -17.84 6.69 -12.46
C LEU C 255 -17.10 6.15 -13.66
N ILE C 256 -17.53 5.01 -14.17
CA ILE C 256 -16.88 4.37 -15.31
C ILE C 256 -17.05 5.21 -16.55
N VAL C 257 -18.27 5.68 -16.78
CA VAL C 257 -18.53 6.52 -17.92
C VAL C 257 -17.79 7.84 -17.72
N TYR C 258 -17.74 8.35 -16.49
CA TYR C 258 -16.97 9.56 -16.25
C TYR C 258 -15.52 9.37 -16.67
N ALA C 259 -14.89 8.30 -16.15
CA ALA C 259 -13.48 8.08 -16.43
C ALA C 259 -13.17 7.96 -17.91
N THR C 260 -14.00 7.20 -18.61
CA THR C 260 -13.79 6.91 -20.03
C THR C 260 -14.22 8.06 -20.98
N SER C 261 -14.86 9.11 -20.44
CA SER C 261 -15.27 10.25 -21.28
C SER C 261 -14.38 11.48 -21.06
N ARG C 262 -13.33 11.29 -20.28
CA ARG C 262 -12.33 12.35 -20.18
C ARG C 262 -11.57 12.46 -21.51
N LYS C 263 -11.04 13.65 -21.80
CA LYS C 263 -10.16 13.83 -22.94
C LYS C 263 -9.04 12.78 -22.89
N GLN C 264 -8.58 12.35 -24.05
CA GLN C 264 -7.68 11.22 -24.17
C GLN C 264 -6.47 11.30 -23.24
N ASN C 265 -5.90 12.50 -23.10
CA ASN C 265 -4.63 12.60 -22.39
C ASN C 265 -4.79 12.35 -20.90
N THR C 266 -6.03 12.41 -20.43
CA THR C 266 -6.32 12.24 -19.00
C THR C 266 -6.67 10.81 -18.63
N VAL C 267 -6.01 10.29 -17.61
CA VAL C 267 -6.31 8.95 -17.13
C VAL C 267 -6.75 8.99 -15.70
N ILE C 268 -8.07 8.86 -15.50
CA ILE C 268 -8.61 8.58 -14.17
C ILE C 268 -8.18 7.15 -13.79
N ALA C 269 -6.96 7.03 -13.26
CA ALA C 269 -6.25 5.75 -13.30
C ALA C 269 -6.73 4.76 -12.29
N ASP C 270 -7.09 5.26 -11.11
CA ASP C 270 -7.38 4.40 -9.96
C ASP C 270 -8.34 5.12 -8.98
N THR C 271 -9.58 4.65 -8.90
CA THR C 271 -10.58 5.33 -8.11
C THR C 271 -11.29 4.41 -7.14
N LEU C 272 -11.34 4.85 -5.89
CA LEU C 272 -12.00 4.14 -4.83
C LEU C 272 -13.31 4.84 -4.58
N ILE C 273 -14.41 4.10 -4.75
CA ILE C 273 -15.75 4.66 -4.59
C ILE C 273 -16.48 3.98 -3.44
N PHE C 274 -17.01 4.79 -2.51
CA PHE C 274 -17.60 4.34 -1.28
C PHE C 274 -18.97 4.94 -1.09
N PRO C 275 -19.88 4.19 -0.47
CA PRO C 275 -21.06 4.85 0.09
C PRO C 275 -20.63 5.61 1.33
N THR C 276 -21.28 6.72 1.61
CA THR C 276 -20.80 7.65 2.62
C THR C 276 -20.55 6.96 3.98
N ASN C 277 -21.26 5.87 4.25
CA ASN C 277 -21.19 5.23 5.55
C ASN C 277 -20.00 4.26 5.69
N GLN C 278 -19.23 4.11 4.62
CA GLN C 278 -18.14 3.14 4.60
C GLN C 278 -16.81 3.84 4.39
N ALA C 279 -15.79 3.41 5.13
CA ALA C 279 -14.44 3.94 4.93
C ALA C 279 -13.38 2.85 4.69
N SER C 280 -13.78 1.58 4.84
CA SER C 280 -12.90 0.44 4.56
C SER C 280 -13.78 -0.77 4.73
N PRO C 281 -13.23 -1.99 4.52
CA PRO C 281 -14.05 -3.19 4.73
C PRO C 281 -14.34 -3.36 6.21
N HIS C 282 -13.55 -2.70 7.05
CA HIS C 282 -13.69 -2.84 8.49
C HIS C 282 -14.40 -1.66 9.10
N HIS C 283 -14.70 -0.66 8.29
CA HIS C 283 -15.29 0.56 8.82
C HIS C 283 -16.58 0.90 8.09
N ILE C 284 -17.66 0.31 8.58
CA ILE C 284 -18.97 0.40 7.98
C ILE C 284 -19.97 0.80 9.03
N PHE C 285 -20.50 2.01 8.93
CA PHE C 285 -21.48 2.47 9.92
C PHE C 285 -22.85 1.97 9.58
N ARG C 286 -23.52 1.40 10.56
CA ARG C 286 -24.89 0.93 10.39
C ARG C 286 -25.83 1.72 11.28
N GLY C 287 -26.80 2.40 10.65
CA GLY C 287 -27.69 3.30 11.35
C GLY C 287 -28.89 2.57 11.93
N HIS D 20 26.48 -26.66 16.43
CA HIS D 20 25.51 -26.06 15.47
C HIS D 20 24.37 -25.24 16.06
N MET D 21 24.60 -23.95 16.33
CA MET D 21 23.50 -23.05 16.78
C MET D 21 23.59 -21.67 16.14
N SER D 22 23.39 -21.62 14.83
CA SER D 22 23.67 -20.46 14.03
C SER D 22 22.97 -19.22 14.57
N GLN D 23 21.92 -19.41 15.37
CA GLN D 23 21.16 -18.26 15.84
C GLN D 23 21.08 -18.11 17.35
N GLY D 24 21.97 -18.79 18.06
CA GLY D 24 22.00 -18.69 19.50
C GLY D 24 21.23 -19.80 20.18
N ARG D 25 21.46 -19.95 21.48
CA ARG D 25 20.95 -21.07 22.24
C ARG D 25 19.43 -21.08 22.32
N LYS D 26 18.88 -19.95 22.71
CA LYS D 26 17.45 -19.80 22.91
C LYS D 26 16.66 -20.16 21.65
N ALA D 27 17.14 -19.71 20.48
CA ALA D 27 16.46 -20.05 19.23
C ALA D 27 16.51 -21.57 18.95
N ALA D 28 17.67 -22.20 19.18
CA ALA D 28 17.80 -23.65 19.08
C ALA D 28 16.85 -24.37 20.03
N GLU D 29 16.72 -23.90 21.26
CA GLU D 29 15.78 -24.52 22.19
C GLU D 29 14.38 -24.50 21.61
N ARG D 30 14.00 -23.35 21.04
CA ARG D 30 12.64 -23.18 20.56
C ARG D 30 12.36 -24.03 19.33
N LEU D 31 13.39 -24.30 18.53
CA LEU D 31 13.23 -25.09 17.31
C LEU D 31 13.28 -26.61 17.56
N ALA D 32 13.84 -27.02 18.68
CA ALA D 32 14.22 -28.43 18.85
C ALA D 32 13.02 -29.37 18.76
N LYS D 33 13.20 -30.41 17.94
CA LYS D 33 12.23 -31.48 17.82
C LYS D 33 10.96 -31.11 17.04
N LYS D 34 10.89 -29.89 16.56
CA LYS D 34 9.76 -29.48 15.72
C LYS D 34 9.82 -30.13 14.31
N THR D 35 8.65 -30.21 13.68
CA THR D 35 8.55 -30.79 12.35
C THR D 35 8.26 -29.65 11.36
N VAL D 36 9.10 -29.53 10.33
CA VAL D 36 8.94 -28.50 9.30
C VAL D 36 8.61 -29.15 7.99
N LEU D 37 7.59 -28.61 7.32
CA LEU D 37 7.24 -29.06 5.96
C LEU D 37 7.61 -27.98 4.96
N ILE D 38 8.50 -28.33 4.03
CA ILE D 38 9.04 -27.35 3.11
C ILE D 38 8.71 -27.70 1.67
N THR D 39 7.96 -26.84 0.98
CA THR D 39 7.74 -27.02 -0.45
C THR D 39 8.81 -26.30 -1.27
N GLY D 40 9.19 -26.93 -2.41
CA GLY D 40 10.29 -26.48 -3.24
C GLY D 40 11.61 -26.71 -2.54
N ALA D 41 11.77 -27.89 -1.95
CA ALA D 41 12.98 -28.21 -1.19
C ALA D 41 14.13 -28.65 -2.07
N SER D 42 13.89 -28.91 -3.35
CA SER D 42 14.95 -29.43 -4.22
C SER D 42 16.00 -28.38 -4.65
N ALA D 43 15.68 -27.10 -4.55
CA ALA D 43 16.64 -26.09 -4.94
C ALA D 43 16.43 -24.75 -4.22
N GLY D 44 17.36 -23.83 -4.43
CA GLY D 44 17.19 -22.44 -4.02
C GLY D 44 16.81 -22.22 -2.58
N ILE D 45 15.79 -21.39 -2.34
CA ILE D 45 15.47 -21.00 -0.97
C ILE D 45 14.96 -22.16 -0.09
N GLY D 46 14.11 -23.02 -0.68
CA GLY D 46 13.57 -24.15 0.05
C GLY D 46 14.68 -25.07 0.54
N LYS D 47 15.59 -25.41 -0.36
CA LYS D 47 16.78 -26.19 -0.01
C LYS D 47 17.65 -25.50 1.07
N ALA D 48 17.96 -24.23 0.87
CA ALA D 48 18.72 -23.48 1.88
C ALA D 48 18.03 -23.51 3.25
N THR D 49 16.71 -23.44 3.23
CA THR D 49 15.93 -23.36 4.47
C THR D 49 15.97 -24.65 5.28
N ALA D 50 15.91 -25.78 4.59
CA ALA D 50 16.10 -27.09 5.21
C ALA D 50 17.43 -27.14 5.92
N LEU D 51 18.50 -26.77 5.21
CA LEU D 51 19.83 -26.73 5.80
C LEU D 51 19.94 -25.76 6.97
N GLU D 52 19.35 -24.58 6.82
CA GLU D 52 19.48 -23.57 7.87
C GLU D 52 18.75 -23.98 9.16
N TYR D 53 17.60 -24.62 9.01
CA TYR D 53 16.87 -25.10 10.16
C TYR D 53 17.77 -26.01 10.97
N LEU D 54 18.54 -26.85 10.30
CA LEU D 54 19.45 -27.73 11.02
C LEU D 54 20.59 -26.94 11.67
N GLU D 55 21.15 -25.98 10.95
CA GLU D 55 22.24 -25.16 11.52
C GLU D 55 21.82 -24.48 12.82
N ALA D 56 20.54 -24.16 12.94
CA ALA D 56 20.05 -23.33 14.05
C ALA D 56 19.50 -24.14 15.23
N SER D 57 19.40 -25.45 15.05
CA SER D 57 18.71 -26.33 15.99
C SER D 57 19.59 -27.50 16.40
N ASN D 58 20.86 -27.43 16.01
CA ASN D 58 21.78 -28.53 16.25
C ASN D 58 21.30 -29.85 15.67
N GLY D 59 20.66 -29.78 14.51
CA GLY D 59 20.31 -30.98 13.78
C GLY D 59 19.04 -31.60 14.29
N ASP D 60 18.50 -31.03 15.37
CA ASP D 60 17.42 -31.68 16.12
C ASP D 60 16.03 -31.28 15.69
N MET D 61 15.71 -31.56 14.43
CA MET D 61 14.36 -31.34 13.88
C MET D 61 13.97 -32.47 12.91
N LYS D 62 12.73 -32.42 12.44
CA LYS D 62 12.22 -33.37 11.51
C LYS D 62 11.76 -32.59 10.30
N LEU D 63 12.30 -32.95 9.13
CA LEU D 63 12.04 -32.22 7.90
C LEU D 63 11.28 -33.04 6.90
N ILE D 64 10.24 -32.46 6.32
CA ILE D 64 9.52 -33.05 5.20
C ILE D 64 9.83 -32.20 3.97
N LEU D 65 10.61 -32.77 3.05
CA LEU D 65 11.09 -32.04 1.90
C LEU D 65 10.31 -32.45 0.67
N ALA D 66 9.56 -31.52 0.09
CA ALA D 66 8.76 -31.83 -1.07
C ALA D 66 9.14 -30.97 -2.26
N ALA D 67 9.13 -31.58 -3.43
CA ALA D 67 9.38 -30.91 -4.71
C ALA D 67 9.16 -31.97 -5.81
N ARG D 68 9.37 -31.63 -7.08
CA ARG D 68 9.20 -32.61 -8.16
C ARG D 68 10.45 -33.47 -8.44
N ARG D 69 11.64 -32.89 -8.33
CA ARG D 69 12.86 -33.60 -8.64
C ARG D 69 13.33 -34.49 -7.49
N LEU D 70 12.91 -35.76 -7.54
CA LEU D 70 13.17 -36.69 -6.46
C LEU D 70 14.64 -36.89 -6.19
N GLU D 71 15.48 -36.90 -7.23
CA GLU D 71 16.92 -37.10 -7.02
C GLU D 71 17.53 -35.97 -6.25
N LYS D 72 17.09 -34.75 -6.54
CA LYS D 72 17.60 -33.60 -5.86
C LYS D 72 17.26 -33.72 -4.38
N LEU D 73 16.06 -34.19 -4.09
CA LEU D 73 15.64 -34.37 -2.71
C LEU D 73 16.49 -35.43 -2.02
N GLU D 74 16.66 -36.58 -2.68
CA GLU D 74 17.48 -37.67 -2.16
C GLU D 74 18.88 -37.18 -1.81
N GLU D 75 19.46 -36.42 -2.74
CA GLU D 75 20.79 -35.89 -2.60
C GLU D 75 20.87 -35.00 -1.34
N LEU D 76 19.87 -34.16 -1.18
CA LEU D 76 19.79 -33.30 -0.02
C LEU D 76 19.72 -34.14 1.26
N LYS D 77 18.85 -35.14 1.26
CA LYS D 77 18.70 -36.00 2.42
C LYS D 77 20.02 -36.66 2.78
N LYS D 78 20.77 -37.08 1.76
CA LYS D 78 22.02 -37.76 2.01
C LYS D 78 22.99 -36.79 2.65
N THR D 79 23.05 -35.59 2.09
CA THR D 79 23.88 -34.54 2.67
C THR D 79 23.53 -34.33 4.15
N ILE D 80 22.24 -34.17 4.41
CA ILE D 80 21.75 -33.98 5.77
C ILE D 80 22.09 -35.16 6.66
N ASP D 81 21.94 -36.37 6.13
CA ASP D 81 22.13 -37.58 6.93
C ASP D 81 23.51 -37.65 7.53
N GLN D 82 24.52 -37.28 6.76
CA GLN D 82 25.88 -37.37 7.25
C GLN D 82 26.28 -36.14 8.05
N GLU D 83 25.71 -35.00 7.67
CA GLU D 83 26.04 -33.76 8.36
C GLU D 83 25.30 -33.64 9.70
N PHE D 84 24.07 -34.14 9.78
CA PHE D 84 23.26 -34.01 10.99
C PHE D 84 22.65 -35.34 11.37
N PRO D 85 23.45 -36.24 11.92
CA PRO D 85 23.03 -37.60 12.22
C PRO D 85 21.71 -37.63 12.97
N ASN D 86 21.53 -36.73 13.92
CA ASN D 86 20.33 -36.70 14.73
C ASN D 86 19.08 -36.10 14.05
N ALA D 87 19.21 -35.69 12.79
CA ALA D 87 18.07 -35.14 12.11
C ALA D 87 17.29 -36.28 11.49
N LYS D 88 15.98 -36.08 11.34
CA LYS D 88 15.14 -37.03 10.61
C LYS D 88 14.46 -36.35 9.42
N VAL D 89 14.65 -36.94 8.25
CA VAL D 89 14.23 -36.33 6.99
C VAL D 89 13.32 -37.24 6.19
N HIS D 90 12.11 -36.77 5.94
CA HIS D 90 11.21 -37.50 5.04
C HIS D 90 11.12 -36.80 3.69
N VAL D 91 11.62 -37.46 2.66
CA VAL D 91 11.60 -36.96 1.30
C VAL D 91 10.28 -37.30 0.57
N ALA D 92 9.74 -36.37 -0.22
CA ALA D 92 8.45 -36.60 -0.89
C ALA D 92 8.35 -35.99 -2.27
N GLN D 93 8.28 -36.83 -3.29
CA GLN D 93 8.11 -36.35 -4.64
C GLN D 93 6.66 -35.91 -4.88
N LEU D 94 6.47 -34.60 -5.04
CA LEU D 94 5.14 -34.04 -5.12
C LEU D 94 5.12 -32.86 -6.03
N ASP D 95 4.17 -32.87 -6.96
CA ASP D 95 3.89 -31.71 -7.77
C ASP D 95 2.69 -31.05 -7.13
N ILE D 96 2.93 -29.96 -6.41
CA ILE D 96 1.86 -29.35 -5.61
C ILE D 96 0.69 -28.82 -6.45
N THR D 97 0.92 -28.81 -7.76
CA THR D 97 -0.07 -28.41 -8.75
C THR D 97 -1.14 -29.46 -8.96
N GLN D 98 -0.86 -30.69 -8.57
CA GLN D 98 -1.87 -31.75 -8.64
C GLN D 98 -2.77 -31.77 -7.40
N ALA D 99 -3.81 -30.96 -7.45
CA ALA D 99 -4.60 -30.62 -6.29
C ALA D 99 -5.05 -31.85 -5.55
N GLU D 100 -5.51 -32.83 -6.30
CA GLU D 100 -6.14 -34.03 -5.72
C GLU D 100 -5.17 -34.84 -4.83
N LYS D 101 -3.87 -34.61 -4.98
CA LYS D 101 -2.87 -35.34 -4.21
C LYS D 101 -2.51 -34.68 -2.87
N ILE D 102 -2.88 -33.41 -2.72
CA ILE D 102 -2.51 -32.66 -1.52
C ILE D 102 -3.06 -33.24 -0.18
N LYS D 103 -4.37 -33.40 -0.11
CA LYS D 103 -4.96 -33.87 1.12
C LYS D 103 -4.41 -35.24 1.49
N PRO D 104 -4.42 -36.21 0.54
CA PRO D 104 -3.82 -37.52 0.83
C PRO D 104 -2.33 -37.38 1.24
N PHE D 105 -1.60 -36.49 0.59
CA PHE D 105 -0.21 -36.32 0.94
C PHE D 105 -0.03 -36.06 2.43
N ILE D 106 -0.79 -35.10 2.93
CA ILE D 106 -0.73 -34.79 4.35
C ILE D 106 -1.20 -35.92 5.25
N GLU D 107 -2.40 -36.42 5.00
CA GLU D 107 -2.95 -37.54 5.76
C GLU D 107 -2.08 -38.79 5.79
N ASN D 108 -1.21 -38.96 4.80
CA ASN D 108 -0.45 -40.19 4.67
C ASN D 108 1.02 -40.08 5.08
N LEU D 109 1.41 -38.91 5.61
CA LEU D 109 2.73 -38.79 6.21
C LEU D 109 2.98 -39.90 7.24
N PRO D 110 4.19 -40.48 7.19
CA PRO D 110 4.55 -41.47 8.21
C PRO D 110 4.27 -40.93 9.61
N GLN D 111 3.82 -41.79 10.52
CA GLN D 111 3.46 -41.39 11.86
C GLN D 111 4.43 -40.34 12.41
N GLU D 112 5.72 -40.62 12.30
CA GLU D 112 6.77 -39.80 12.86
C GLU D 112 6.76 -38.33 12.41
N PHE D 113 6.23 -38.08 11.21
CA PHE D 113 6.28 -36.74 10.67
C PHE D 113 4.93 -36.07 10.59
N LYS D 114 3.91 -36.72 11.16
CA LYS D 114 2.54 -36.29 10.98
C LYS D 114 2.24 -34.97 11.68
N ASP D 115 2.97 -34.69 12.76
CA ASP D 115 2.68 -33.54 13.63
C ASP D 115 3.45 -32.31 13.21
N ILE D 116 3.13 -31.80 12.02
CA ILE D 116 3.78 -30.64 11.44
C ILE D 116 3.68 -29.43 12.37
N ASP D 117 4.78 -28.69 12.52
CA ASP D 117 4.80 -27.48 13.34
C ASP D 117 5.01 -26.22 12.50
N ILE D 118 5.70 -26.36 11.39
CA ILE D 118 6.01 -25.21 10.54
C ILE D 118 5.77 -25.58 9.10
N LEU D 119 4.94 -24.80 8.42
CA LEU D 119 4.71 -24.98 6.98
C LEU D 119 5.40 -23.86 6.22
N VAL D 120 6.30 -24.21 5.30
CA VAL D 120 6.97 -23.20 4.49
C VAL D 120 6.50 -23.31 3.05
N ASN D 121 5.56 -22.45 2.66
CA ASN D 121 5.04 -22.44 1.29
C ASN D 121 6.02 -21.68 0.38
N ASN D 122 7.09 -22.37 0.01
CA ASN D 122 8.20 -21.79 -0.71
C ASN D 122 8.14 -22.05 -2.23
N ALA D 123 7.73 -23.26 -2.63
CA ALA D 123 7.62 -23.62 -4.05
C ALA D 123 6.91 -22.51 -4.82
N GLY D 124 7.55 -22.01 -5.88
CA GLY D 124 6.98 -20.95 -6.66
C GLY D 124 7.90 -20.61 -7.81
N LYS D 125 7.41 -19.83 -8.77
CA LYS D 125 8.18 -19.58 -9.97
C LYS D 125 7.67 -18.36 -10.72
N ALA D 126 8.45 -17.92 -11.69
CA ALA D 126 8.01 -16.93 -12.66
C ALA D 126 8.35 -17.47 -14.04
N LEU D 127 7.49 -17.20 -15.03
CA LEU D 127 7.75 -17.72 -16.36
C LEU D 127 7.78 -16.59 -17.38
N GLY D 128 8.98 -16.31 -17.90
CA GLY D 128 9.16 -15.28 -18.90
C GLY D 128 9.06 -13.86 -18.37
N SER D 129 9.28 -12.89 -19.25
CA SER D 129 9.15 -11.48 -18.94
C SER D 129 8.38 -10.78 -20.04
N ASP D 130 7.32 -11.44 -20.48
CA ASP D 130 6.52 -10.94 -21.61
C ASP D 130 5.58 -9.84 -21.18
N ARG D 131 5.45 -8.81 -22.01
CA ARG D 131 4.47 -7.75 -21.78
C ARG D 131 3.09 -8.28 -22.11
N VAL D 132 2.08 -7.76 -21.43
CA VAL D 132 0.68 -8.12 -21.68
C VAL D 132 0.42 -8.03 -23.17
N GLY D 133 -0.29 -9.01 -23.71
CA GLY D 133 -0.46 -9.14 -25.15
C GLY D 133 0.40 -10.30 -25.67
N GLN D 134 1.54 -10.51 -25.04
CA GLN D 134 2.49 -11.55 -25.47
C GLN D 134 2.58 -12.76 -24.52
N ILE D 135 1.67 -12.86 -23.58
CA ILE D 135 1.84 -13.87 -22.53
C ILE D 135 1.13 -15.20 -22.84
N ALA D 136 1.91 -16.28 -22.87
CA ALA D 136 1.37 -17.60 -23.18
C ALA D 136 0.41 -18.06 -22.09
N THR D 137 -0.73 -18.60 -22.50
CA THR D 137 -1.73 -19.05 -21.53
C THR D 137 -1.19 -20.15 -20.60
N GLU D 138 -0.23 -20.94 -21.07
CA GLU D 138 0.34 -21.97 -20.21
C GLU D 138 1.13 -21.32 -19.09
N ASP D 139 1.88 -20.29 -19.44
CA ASP D 139 2.63 -19.54 -18.46
C ASP D 139 1.73 -18.89 -17.41
N ILE D 140 0.59 -18.38 -17.84
CA ILE D 140 -0.36 -17.82 -16.88
C ILE D 140 -0.85 -18.89 -15.90
N GLN D 141 -1.28 -20.05 -16.41
CA GLN D 141 -1.82 -21.09 -15.54
C GLN D 141 -0.79 -21.68 -14.60
N ASP D 142 0.42 -21.88 -15.10
CA ASP D 142 1.47 -22.52 -14.33
C ASP D 142 1.85 -21.59 -13.15
N VAL D 143 2.08 -20.32 -13.46
CA VAL D 143 2.46 -19.39 -12.41
C VAL D 143 1.37 -19.26 -11.35
N PHE D 144 0.14 -19.05 -11.78
CA PHE D 144 -0.96 -18.94 -10.81
C PHE D 144 -1.22 -20.22 -10.01
N ASP D 145 -1.20 -21.37 -10.68
CA ASP D 145 -1.45 -22.64 -10.00
C ASP D 145 -0.37 -22.96 -8.99
N THR D 146 0.87 -22.67 -9.33
CA THR D 146 1.94 -22.99 -8.41
C THR D 146 1.97 -21.95 -7.29
N ASN D 147 1.90 -20.68 -7.67
CA ASN D 147 2.15 -19.62 -6.73
C ASN D 147 0.98 -19.37 -5.79
N VAL D 148 -0.23 -19.58 -6.29
CA VAL D 148 -1.38 -19.15 -5.53
C VAL D 148 -2.25 -20.33 -5.18
N THR D 149 -2.85 -20.94 -6.19
CA THR D 149 -3.79 -22.02 -5.93
C THR D 149 -3.14 -23.12 -5.06
N ALA D 150 -1.99 -23.66 -5.46
CA ALA D 150 -1.37 -24.75 -4.70
C ALA D 150 -1.04 -24.26 -3.29
N LEU D 151 -0.49 -23.04 -3.19
CA LEU D 151 -0.15 -22.49 -1.87
C LEU D 151 -1.40 -22.51 -0.97
N ILE D 152 -2.55 -22.15 -1.52
CA ILE D 152 -3.79 -22.13 -0.76
C ILE D 152 -4.24 -23.55 -0.40
N ASN D 153 -4.15 -24.46 -1.38
CA ASN D 153 -4.55 -25.84 -1.14
C ASN D 153 -3.70 -26.43 -0.03
N ILE D 154 -2.38 -26.27 -0.15
CA ILE D 154 -1.49 -26.84 0.83
C ILE D 154 -1.76 -26.25 2.21
N THR D 155 -1.93 -24.93 2.24
CA THR D 155 -2.31 -24.26 3.47
C THR D 155 -3.61 -24.82 4.08
N GLN D 156 -4.65 -24.95 3.27
CA GLN D 156 -5.88 -25.51 3.81
C GLN D 156 -5.75 -26.96 4.34
N ALA D 157 -4.94 -27.78 3.65
CA ALA D 157 -4.71 -29.14 4.11
C ALA D 157 -3.95 -29.26 5.43
N VAL D 158 -3.00 -28.37 5.68
CA VAL D 158 -2.19 -28.42 6.90
C VAL D 158 -2.88 -27.75 8.11
N LEU D 159 -3.61 -26.67 7.85
CA LEU D 159 -4.20 -25.84 8.89
C LEU D 159 -4.94 -26.58 9.99
N PRO D 160 -5.69 -27.62 9.64
CA PRO D 160 -6.38 -28.37 10.70
C PRO D 160 -5.42 -28.91 11.76
N ILE D 161 -4.21 -29.31 11.34
CA ILE D 161 -3.25 -29.81 12.30
C ILE D 161 -2.93 -28.71 13.32
N PHE D 162 -2.78 -27.48 12.81
CA PHE D 162 -2.43 -26.35 13.63
C PHE D 162 -3.56 -25.95 14.54
N GLN D 163 -4.77 -26.03 14.01
CA GLN D 163 -5.92 -25.61 14.79
C GLN D 163 -6.20 -26.61 15.90
N ALA D 164 -5.92 -27.89 15.66
CA ALA D 164 -6.14 -28.90 16.69
C ALA D 164 -5.27 -28.62 17.90
N LYS D 165 -4.02 -28.24 17.66
CA LYS D 165 -3.10 -28.01 18.76
C LYS D 165 -2.84 -26.53 19.09
N ASN D 166 -3.65 -25.64 18.50
CA ASN D 166 -3.51 -24.21 18.67
C ASN D 166 -2.07 -23.70 18.65
N SER D 167 -1.30 -24.15 17.66
CA SER D 167 0.06 -23.71 17.47
C SER D 167 0.53 -24.09 16.07
N GLY D 168 1.63 -23.48 15.62
CA GLY D 168 2.14 -23.70 14.29
C GLY D 168 2.42 -22.41 13.56
N ASP D 169 3.40 -22.44 12.66
CA ASP D 169 3.75 -21.28 11.82
C ASP D 169 3.41 -21.57 10.37
N ILE D 170 2.77 -20.59 9.72
CA ILE D 170 2.53 -20.63 8.28
C ILE D 170 3.40 -19.59 7.61
N VAL D 171 4.38 -20.05 6.82
CA VAL D 171 5.33 -19.14 6.19
C VAL D 171 5.12 -19.10 4.68
N ASN D 172 4.79 -17.92 4.16
CA ASN D 172 4.50 -17.80 2.74
C ASN D 172 5.53 -16.97 2.04
N LEU D 173 6.08 -17.51 0.95
CA LEU D 173 7.01 -16.73 0.15
C LEU D 173 6.27 -15.76 -0.79
N GLY D 174 6.21 -14.50 -0.39
CA GLY D 174 5.82 -13.43 -1.27
C GLY D 174 7.05 -12.90 -2.00
N SER D 175 7.02 -11.61 -2.34
CA SER D 175 8.08 -10.99 -3.11
C SER D 175 7.91 -9.53 -2.99
N ILE D 176 8.98 -8.78 -3.26
CA ILE D 176 8.84 -7.34 -3.43
C ILE D 176 7.77 -7.09 -4.51
N ALA D 177 7.69 -8.02 -5.46
CA ALA D 177 6.75 -7.91 -6.57
C ALA D 177 5.32 -7.98 -6.07
N GLY D 178 5.16 -8.43 -4.83
CA GLY D 178 3.84 -8.53 -4.23
C GLY D 178 3.29 -7.22 -3.66
N ARG D 179 4.09 -6.15 -3.69
CA ARG D 179 3.59 -4.88 -3.20
C ARG D 179 3.97 -3.71 -4.11
N ASP D 180 4.78 -3.99 -5.13
CA ASP D 180 5.24 -2.95 -6.06
C ASP D 180 5.34 -3.57 -7.47
N ALA D 181 4.28 -3.46 -8.27
CA ALA D 181 4.27 -4.15 -9.55
C ALA D 181 5.18 -3.48 -10.58
N TYR D 182 5.63 -4.25 -11.56
CA TYR D 182 6.55 -3.71 -12.57
C TYR D 182 6.20 -4.23 -13.94
N PRO D 183 6.55 -3.45 -14.97
CA PRO D 183 6.16 -3.84 -16.33
C PRO D 183 6.94 -5.08 -16.72
N THR D 184 6.36 -5.93 -17.56
CA THR D 184 6.95 -7.23 -17.95
C THR D 184 6.83 -8.31 -16.86
N GLY D 185 6.28 -7.96 -15.70
CA GLY D 185 6.06 -8.96 -14.68
C GLY D 185 4.62 -9.09 -14.18
N SER D 186 3.67 -8.77 -15.06
CA SER D 186 2.26 -8.67 -14.67
C SER D 186 1.70 -9.91 -13.97
N ILE D 187 1.93 -11.08 -14.56
CA ILE D 187 1.43 -12.33 -13.99
C ILE D 187 2.12 -12.65 -12.65
N TYR D 188 3.45 -12.57 -12.60
CA TYR D 188 4.16 -12.89 -11.38
C TYR D 188 3.73 -11.94 -10.27
N CYS D 189 3.66 -10.66 -10.60
CA CYS D 189 3.31 -9.66 -9.61
C CYS D 189 1.89 -9.92 -9.14
N ALA D 190 1.01 -10.20 -10.11
CA ALA D 190 -0.37 -10.48 -9.77
C ALA D 190 -0.40 -11.64 -8.80
N SER D 191 0.42 -12.65 -9.05
CA SER D 191 0.39 -13.82 -8.18
C SER D 191 0.92 -13.51 -6.78
N LYS D 192 1.97 -12.69 -6.70
CA LYS D 192 2.55 -12.36 -5.41
C LYS D 192 1.70 -11.38 -4.59
N PHE D 193 0.96 -10.52 -5.29
CA PHE D 193 -0.02 -9.64 -4.63
C PHE D 193 -1.10 -10.49 -4.01
N ALA D 194 -1.52 -11.52 -4.75
CA ALA D 194 -2.52 -12.46 -4.29
C ALA D 194 -2.05 -13.24 -3.05
N VAL D 195 -0.78 -13.69 -3.08
CA VAL D 195 -0.22 -14.40 -1.95
C VAL D 195 -0.20 -13.54 -0.69
N GLY D 196 0.19 -12.28 -0.89
CA GLY D 196 0.18 -11.33 0.19
C GLY D 196 -1.23 -11.20 0.76
N ALA D 197 -2.21 -10.97 -0.10
CA ALA D 197 -3.57 -10.66 0.35
C ALA D 197 -4.17 -11.85 1.08
N PHE D 198 -4.05 -13.02 0.49
CA PHE D 198 -4.43 -14.23 1.14
C PHE D 198 -3.75 -14.33 2.52
N THR D 199 -2.45 -14.09 2.55
CA THR D 199 -1.74 -14.16 3.80
C THR D 199 -2.31 -13.18 4.84
N ASP D 200 -2.66 -11.97 4.40
CA ASP D 200 -3.17 -10.94 5.29
C ASP D 200 -4.53 -11.32 5.86
N SER D 201 -5.43 -11.78 4.98
CA SER D 201 -6.73 -12.34 5.43
C SER D 201 -6.49 -13.42 6.47
N LEU D 202 -5.60 -14.34 6.15
CA LEU D 202 -5.35 -15.46 7.03
C LEU D 202 -4.95 -15.00 8.43
N ARG D 203 -3.97 -14.09 8.48
CA ARG D 203 -3.51 -13.58 9.78
C ARG D 203 -4.68 -12.93 10.52
N LYS D 204 -5.52 -12.20 9.80
CA LYS D 204 -6.65 -11.56 10.45
C LYS D 204 -7.67 -12.56 10.99
N GLU D 205 -7.82 -13.70 10.31
CA GLU D 205 -8.74 -14.75 10.78
C GLU D 205 -8.24 -15.43 12.05
N LEU D 206 -6.93 -15.57 12.18
CA LEU D 206 -6.34 -16.38 13.24
C LEU D 206 -5.93 -15.64 14.51
N ILE D 207 -6.27 -14.36 14.64
CA ILE D 207 -5.85 -13.58 15.81
C ILE D 207 -6.33 -14.17 17.14
N ASN D 208 -7.29 -15.07 17.10
CA ASN D 208 -7.78 -15.71 18.31
C ASN D 208 -7.05 -17.04 18.57
N THR D 209 -6.06 -17.34 17.74
CA THR D 209 -5.29 -18.54 17.94
C THR D 209 -3.85 -18.14 18.22
N LYS D 210 -3.01 -19.12 18.50
CA LYS D 210 -1.58 -18.86 18.64
C LYS D 210 -0.84 -19.33 17.41
N ILE D 211 -1.56 -19.42 16.29
CA ILE D 211 -0.95 -19.83 15.02
C ILE D 211 -0.37 -18.61 14.38
N ARG D 212 0.90 -18.70 13.99
CA ARG D 212 1.61 -17.54 13.45
C ARG D 212 1.60 -17.55 11.95
N VAL D 213 1.38 -16.37 11.37
CA VAL D 213 1.26 -16.17 9.95
C VAL D 213 2.30 -15.16 9.51
N ILE D 214 3.24 -15.64 8.71
CA ILE D 214 4.47 -14.94 8.37
C ILE D 214 4.69 -14.85 6.85
N LEU D 215 4.91 -13.64 6.36
CA LEU D 215 5.15 -13.37 4.95
C LEU D 215 6.58 -12.92 4.76
N ILE D 216 7.30 -13.63 3.91
CA ILE D 216 8.67 -13.31 3.58
C ILE D 216 8.70 -12.73 2.16
N ALA D 217 9.24 -11.53 2.00
CA ALA D 217 9.23 -10.90 0.69
C ALA D 217 10.59 -10.42 0.28
N PRO D 218 11.28 -11.23 -0.52
CA PRO D 218 12.62 -10.92 -1.00
C PRO D 218 12.61 -10.11 -2.28
N GLY D 219 13.77 -9.52 -2.57
CA GLY D 219 14.08 -8.93 -3.86
C GLY D 219 14.99 -9.93 -4.55
N LEU D 220 16.04 -9.43 -5.24
CA LEU D 220 16.97 -10.27 -5.98
C LEU D 220 17.70 -11.36 -5.15
N VAL D 221 17.34 -12.63 -5.36
CA VAL D 221 18.05 -13.76 -4.78
C VAL D 221 18.50 -14.60 -5.95
N GLU D 222 19.77 -14.98 -5.98
CA GLU D 222 20.28 -15.83 -7.06
C GLU D 222 20.10 -17.31 -6.75
N THR D 223 19.14 -17.93 -7.41
CA THR D 223 18.79 -19.32 -7.20
C THR D 223 18.64 -19.97 -8.57
N GLU D 224 17.67 -20.86 -8.72
CA GLU D 224 17.30 -21.35 -10.02
C GLU D 224 16.07 -20.58 -10.54
N PHE D 225 15.62 -19.61 -9.76
CA PHE D 225 14.44 -18.79 -10.08
C PHE D 225 14.54 -18.11 -11.45
N SER D 226 15.66 -17.46 -11.74
CA SER D 226 15.82 -16.84 -13.06
C SER D 226 16.08 -17.87 -14.17
N LEU D 227 16.76 -18.96 -13.83
CA LEU D 227 16.95 -20.04 -14.77
C LEU D 227 15.59 -20.60 -15.22
N VAL D 228 14.73 -20.91 -14.26
CA VAL D 228 13.37 -21.34 -14.57
C VAL D 228 12.62 -20.29 -15.40
N ARG D 229 12.76 -19.03 -14.96
CA ARG D 229 12.03 -17.93 -15.58
C ARG D 229 12.33 -17.80 -17.07
N TYR D 230 13.57 -18.09 -17.45
CA TYR D 230 13.98 -17.98 -18.84
C TYR D 230 14.24 -19.34 -19.52
N ARG D 231 13.49 -20.35 -19.06
CA ARG D 231 13.45 -21.66 -19.67
C ARG D 231 14.80 -22.32 -19.84
N GLY D 232 15.67 -22.19 -18.84
CA GLY D 232 16.96 -22.87 -18.84
C GLY D 232 18.07 -22.11 -19.56
N ASN D 233 17.76 -20.96 -20.13
CA ASN D 233 18.80 -20.16 -20.74
C ASN D 233 19.70 -19.55 -19.68
N GLU D 234 20.89 -20.14 -19.50
CA GLU D 234 21.82 -19.67 -18.47
C GLU D 234 22.29 -18.25 -18.69
N GLU D 235 22.46 -17.86 -19.94
CA GLU D 235 22.81 -16.49 -20.29
C GLU D 235 21.85 -15.50 -19.66
N GLN D 236 20.58 -15.59 -20.04
CA GLN D 236 19.59 -14.65 -19.53
C GLN D 236 19.49 -14.72 -18.00
N ALA D 237 19.63 -15.92 -17.44
CA ALA D 237 19.60 -16.07 -16.00
C ALA D 237 20.74 -15.27 -15.33
N LYS D 238 21.98 -15.56 -15.67
CA LYS D 238 23.11 -14.84 -15.07
C LYS D 238 23.03 -13.33 -15.28
N ASN D 239 22.37 -12.94 -16.37
CA ASN D 239 22.26 -11.56 -16.75
C ASN D 239 21.44 -10.72 -15.77
N VAL D 240 20.47 -11.37 -15.13
CA VAL D 240 19.61 -10.70 -14.15
C VAL D 240 20.43 -10.16 -12.98
N TYR D 241 21.53 -10.84 -12.66
CA TYR D 241 22.35 -10.52 -11.50
C TYR D 241 23.65 -9.79 -11.87
N LYS D 242 23.94 -9.72 -13.17
CA LYS D 242 25.13 -9.02 -13.68
C LYS D 242 25.40 -7.69 -13.02
N ASP D 243 26.63 -7.54 -12.51
CA ASP D 243 27.10 -6.30 -11.88
C ASP D 243 26.39 -5.92 -10.56
N THR D 244 25.79 -6.90 -9.88
CA THR D 244 25.20 -6.67 -8.57
C THR D 244 25.68 -7.77 -7.66
N THR D 245 25.50 -7.59 -6.36
CA THR D 245 25.70 -8.69 -5.45
C THR D 245 24.36 -9.11 -4.87
N PRO D 246 23.67 -10.08 -5.50
CA PRO D 246 22.31 -10.30 -5.02
C PRO D 246 22.32 -11.02 -3.68
N LEU D 247 21.12 -11.27 -3.14
CA LEU D 247 20.98 -12.15 -2.00
C LEU D 247 21.23 -13.56 -2.46
N MET D 248 21.76 -14.41 -1.58
CA MET D 248 21.82 -15.82 -1.92
CA MET D 248 21.88 -15.84 -1.85
C MET D 248 20.75 -16.51 -1.09
N ALA D 249 20.43 -17.75 -1.44
CA ALA D 249 19.30 -18.42 -0.81
C ALA D 249 19.39 -18.57 0.73
N ASP D 250 20.61 -18.72 1.25
CA ASP D 250 20.80 -18.85 2.69
C ASP D 250 20.47 -17.53 3.45
N ASP D 251 20.54 -16.40 2.74
CA ASP D 251 20.13 -15.12 3.33
C ASP D 251 18.63 -15.13 3.65
N VAL D 252 17.83 -15.67 2.73
CA VAL D 252 16.39 -15.75 2.96
C VAL D 252 16.10 -16.85 3.94
N ALA D 253 16.87 -17.93 3.87
CA ALA D 253 16.75 -19.01 4.83
C ALA D 253 16.98 -18.47 6.23
N ASP D 254 18.03 -17.67 6.36
CA ASP D 254 18.36 -17.06 7.66
C ASP D 254 17.16 -16.34 8.27
N LEU D 255 16.46 -15.58 7.44
CA LEU D 255 15.32 -14.80 7.89
C LEU D 255 14.17 -15.71 8.28
N ILE D 256 13.96 -16.76 7.50
CA ILE D 256 12.86 -17.67 7.75
C ILE D 256 13.03 -18.37 9.08
N VAL D 257 14.23 -18.89 9.29
CA VAL D 257 14.54 -19.56 10.54
C VAL D 257 14.48 -18.53 11.69
N TYR D 258 14.98 -17.33 11.46
CA TYR D 258 14.85 -16.31 12.48
C TYR D 258 13.39 -16.10 12.87
N ALA D 259 12.52 -15.85 11.89
CA ALA D 259 11.12 -15.56 12.20
C ALA D 259 10.46 -16.68 12.98
N THR D 260 10.72 -17.92 12.57
CA THR D 260 10.05 -19.08 13.17
C THR D 260 10.69 -19.54 14.48
N SER D 261 11.84 -18.98 14.84
CA SER D 261 12.47 -19.31 16.12
C SER D 261 12.29 -18.23 17.20
N ARG D 262 11.46 -17.22 16.91
CA ARG D 262 11.09 -16.28 17.96
C ARG D 262 10.14 -16.97 18.94
N LYS D 263 10.12 -16.50 20.18
CA LYS D 263 9.14 -16.96 21.15
C LYS D 263 7.72 -16.87 20.55
N GLN D 264 6.83 -17.78 20.96
CA GLN D 264 5.53 -17.96 20.34
C GLN D 264 4.71 -16.67 20.18
N ASN D 265 4.76 -15.81 21.18
CA ASN D 265 3.87 -14.66 21.20
C ASN D 265 4.28 -13.62 20.15
N THR D 266 5.50 -13.77 19.62
CA THR D 266 6.04 -12.81 18.67
C THR D 266 5.83 -13.26 17.22
N VAL D 267 5.29 -12.36 16.41
CA VAL D 267 5.10 -12.65 15.01
C VAL D 267 5.88 -11.68 14.15
N ILE D 268 6.97 -12.16 13.59
CA ILE D 268 7.67 -11.45 12.54
C ILE D 268 6.76 -11.56 11.31
N ALA D 269 5.78 -10.65 11.22
CA ALA D 269 4.64 -10.90 10.38
C ALA D 269 4.89 -10.74 8.91
N ASP D 270 5.73 -9.76 8.54
CA ASP D 270 5.86 -9.33 7.15
C ASP D 270 7.20 -8.63 6.98
N THR D 271 8.13 -9.29 6.27
CA THR D 271 9.50 -8.81 6.14
C THR D 271 9.95 -8.71 4.70
N LEU D 272 10.46 -7.55 4.34
CA LEU D 272 10.96 -7.29 3.02
C LEU D 272 12.46 -7.36 3.16
N ILE D 273 13.08 -8.27 2.40
CA ILE D 273 14.53 -8.47 2.47
C ILE D 273 15.18 -8.16 1.12
N PHE D 274 16.20 -7.29 1.14
CA PHE D 274 16.82 -6.73 -0.05
C PHE D 274 18.34 -6.93 -0.01
N PRO D 275 18.96 -7.16 -1.17
CA PRO D 275 20.41 -6.94 -1.24
C PRO D 275 20.66 -5.44 -1.20
N THR D 276 21.77 -5.01 -0.60
CA THR D 276 21.99 -3.61 -0.30
C THR D 276 21.85 -2.69 -1.54
N ASN D 277 22.07 -3.23 -2.72
CA ASN D 277 22.02 -2.41 -3.94
C ASN D 277 20.62 -2.21 -4.52
N GLN D 278 19.61 -2.79 -3.88
CA GLN D 278 18.26 -2.72 -4.38
C GLN D 278 17.35 -2.05 -3.38
N ALA D 279 16.43 -1.23 -3.87
CA ALA D 279 15.43 -0.58 -3.02
C ALA D 279 13.99 -0.80 -3.48
N SER D 280 13.84 -1.34 -4.68
CA SER D 280 12.52 -1.66 -5.25
C SER D 280 12.80 -2.41 -6.54
N PRO D 281 11.75 -2.86 -7.24
CA PRO D 281 12.00 -3.51 -8.54
C PRO D 281 12.55 -2.53 -9.54
N HIS D 282 12.36 -1.24 -9.27
CA HIS D 282 12.76 -0.21 -10.21
C HIS D 282 14.02 0.48 -9.74
N HIS D 283 14.54 0.09 -8.59
CA HIS D 283 15.69 0.79 -8.03
C HIS D 283 16.77 -0.22 -7.68
N ILE D 284 17.58 -0.51 -8.68
CA ILE D 284 18.60 -1.53 -8.60
C ILE D 284 19.92 -0.97 -9.11
N PHE D 285 20.87 -0.74 -8.21
CA PHE D 285 22.13 -0.19 -8.61
C PHE D 285 23.03 -1.27 -9.17
N ARG D 286 23.60 -1.00 -10.33
CA ARG D 286 24.57 -1.91 -10.92
C ARG D 286 25.95 -1.28 -11.00
N GLY D 287 26.91 -1.90 -10.31
CA GLY D 287 28.25 -1.35 -10.19
C GLY D 287 29.13 -1.69 -11.38
PA NAP E . 0.81 26.01 -7.69
O1A NAP E . 2.15 26.46 -7.36
O2A NAP E . 0.41 26.26 -9.08
O5B NAP E . -0.26 26.64 -6.69
C5B NAP E . -0.19 26.42 -5.32
C4B NAP E . -1.13 27.44 -4.67
O4B NAP E . -0.95 27.37 -3.27
C3B NAP E . -0.88 28.89 -5.06
O3B NAP E . -2.12 29.54 -5.30
C2B NAP E . -0.20 29.52 -3.87
O2B NAP E . -0.64 30.85 -3.72
C1B NAP E . -0.80 28.67 -2.77
N9A NAP E . 0.01 28.66 -1.55
C8A NAP E . 1.27 28.16 -1.40
N7A NAP E . 1.63 28.38 -0.10
C5A NAP E . 0.64 28.99 0.56
C6A NAP E . 0.49 29.43 1.88
N6A NAP E . 1.50 29.27 2.76
N1A NAP E . -0.70 30.04 2.27
C2A NAP E . -1.70 30.20 1.35
N3A NAP E . -1.55 29.75 0.03
C4A NAP E . -0.40 29.17 -0.34
O3 NAP E . 0.69 24.48 -7.36
PN NAP E . -0.38 23.45 -7.93
O1N NAP E . 0.21 22.65 -9.01
O2N NAP E . -1.69 24.12 -8.19
O5D NAP E . -0.51 22.65 -6.54
C5D NAP E . -1.74 22.56 -5.87
C4D NAP E . -1.85 21.30 -5.01
O4D NAP E . -1.78 20.13 -5.81
C3D NAP E . -0.69 21.21 -4.05
O3D NAP E . -1.19 20.63 -2.86
C2D NAP E . 0.24 20.23 -4.72
O2D NAP E . 1.05 19.58 -3.82
C1D NAP E . -0.78 19.27 -5.28
N1N NAP E . -0.22 18.44 -6.34
C2N NAP E . 0.40 19.00 -7.42
C3N NAP E . 0.92 18.19 -8.43
C7N NAP E . 1.58 18.79 -9.62
O7N NAP E . 2.32 17.91 -10.44
N7N NAP E . 1.46 20.10 -9.87
C4N NAP E . 0.79 16.82 -8.35
C5N NAP E . 0.14 16.26 -7.27
C6N NAP E . -0.36 17.08 -6.27
P2B NAP E . 0.25 32.09 -3.21
O1X NAP E . 0.18 32.05 -1.71
O2X NAP E . -0.35 33.36 -3.75
O3X NAP E . 1.72 32.01 -3.60
PA NAP F . 8.46 5.16 25.16
O1A NAP F . 8.45 4.03 26.13
O2A NAP F . 7.66 6.34 25.58
O5B NAP F . 9.92 5.78 24.96
C5B NAP F . 10.18 6.73 23.93
C4B NAP F . 11.58 7.30 24.17
O4B NAP F . 11.89 8.46 23.41
C3B NAP F . 11.81 7.70 25.63
O3B NAP F . 13.06 7.15 25.96
C2B NAP F . 11.90 9.21 25.64
O2B NAP F . 12.85 9.62 26.58
C1B NAP F . 12.44 9.48 24.25
N9A NAP F . 12.05 10.83 23.78
C8A NAP F . 10.77 11.26 23.62
N7A NAP F . 10.79 12.53 23.16
C5A NAP F . 12.08 12.92 23.00
C6A NAP F . 12.64 14.13 22.57
N6A NAP F . 11.85 15.14 22.22
N1A NAP F . 14.03 14.24 22.52
C2A NAP F . 14.80 13.16 22.89
N3A NAP F . 14.24 11.96 23.32
C4A NAP F . 12.88 11.85 23.38
O3 NAP F . 8.04 4.65 23.69
PN NAP F . 8.37 3.27 22.93
O1N NAP F . 9.69 2.80 23.40
O2N NAP F . 7.24 2.33 23.08
O5D NAP F . 8.49 3.75 21.39
C5D NAP F . 9.70 4.12 20.74
C4D NAP F . 9.52 4.21 19.21
O4D NAP F . 8.75 3.13 18.76
C3D NAP F . 8.72 5.44 18.79
O3D NAP F . 9.09 5.88 17.49
C2D NAP F . 7.30 4.95 18.79
O2D NAP F . 6.52 5.73 17.93
C1D NAP F . 7.54 3.58 18.20
N1N NAP F . 6.41 2.64 18.35
C2N NAP F . 5.86 2.35 19.56
C3N NAP F . 4.79 1.44 19.60
C7N NAP F . 4.36 0.86 20.91
O7N NAP F . 3.12 0.17 20.96
N7N NAP F . 5.15 1.04 21.98
C4N NAP F . 4.28 0.85 18.43
C5N NAP F . 4.86 1.16 17.22
C6N NAP F . 5.92 2.06 17.21
P2B NAP F . 12.74 10.97 27.43
O1X NAP F . 13.58 10.85 28.69
O2X NAP F . 13.27 12.08 26.53
O3X NAP F . 11.34 11.34 27.81
PA NAP G . -23.37 -9.05 -10.16
O1A NAP G . -23.54 -10.38 -9.50
O2A NAP G . -24.56 -8.18 -9.97
O5B NAP G . -23.06 -9.26 -11.73
C5B NAP G . -21.91 -9.89 -12.21
C4B NAP G . -22.05 -10.06 -13.71
O4B NAP G . -20.97 -10.82 -14.25
C3B NAP G . -23.32 -10.79 -14.04
O3B NAP G . -23.94 -10.08 -15.08
C2B NAP G . -22.88 -12.14 -14.56
O2B NAP G . -23.78 -12.52 -15.58
C1B NAP G . -21.45 -11.86 -15.06
N9A NAP G . -20.60 -13.09 -15.01
C8A NAP G . -20.26 -13.84 -13.91
N7A NAP G . -19.51 -14.92 -14.33
C5A NAP G . -19.35 -14.86 -15.67
C6A NAP G . -18.69 -15.67 -16.60
N6A NAP G . -18.02 -16.77 -16.27
N1A NAP G . -18.73 -15.32 -17.93
C2A NAP G . -19.40 -14.20 -18.34
N3A NAP G . -20.04 -13.41 -17.43
C4A NAP G . -20.03 -13.73 -16.11
O3 NAP G . -22.02 -8.37 -9.60
PN NAP G . -21.55 -6.85 -9.52
O1N NAP G . -22.17 -6.08 -10.64
O2N NAP G . -21.79 -6.37 -8.15
O5D NAP G . -19.98 -7.03 -9.85
C5D NAP G . -19.36 -6.54 -11.02
C4D NAP G . -17.87 -6.46 -10.73
O4D NAP G . -17.58 -5.48 -9.74
C3D NAP G . -17.29 -7.76 -10.21
O3D NAP G . -15.99 -7.88 -10.73
C2D NAP G . -17.14 -7.58 -8.71
O2D NAP G . -16.02 -8.29 -8.20
C1D NAP G . -16.88 -6.07 -8.66
N1N NAP G . -17.24 -5.48 -7.36
C2N NAP G . -18.43 -5.74 -6.76
C3N NAP G . -18.72 -5.15 -5.53
C7N NAP G . -20.16 -4.97 -5.13
O7N NAP G . -20.43 -4.58 -3.79
N7N NAP G . -21.12 -5.17 -6.03
C4N NAP G . -17.80 -4.32 -4.90
C5N NAP G . -16.58 -4.05 -5.52
C6N NAP G . -16.33 -4.65 -6.74
P2B NAP G . -24.24 -14.04 -15.88
O1X NAP G . -24.46 -14.79 -14.57
O2X NAP G . -23.19 -14.73 -16.75
O3X NAP G . -25.51 -13.93 -16.70
PA NAP H . 13.95 -21.94 -7.37
O1A NAP H . 15.40 -21.95 -7.03
O2A NAP H . 13.68 -22.05 -8.81
O5B NAP H . 13.25 -23.14 -6.56
C5B NAP H . 11.85 -23.20 -6.49
C4B NAP H . 11.52 -24.60 -5.95
O4B NAP H . 10.14 -24.80 -6.13
C3B NAP H . 12.23 -25.68 -6.73
O3B NAP H . 12.83 -26.53 -5.81
C2B NAP H . 11.15 -26.46 -7.46
O2B NAP H . 11.43 -27.82 -7.37
C1B NAP H . 9.92 -26.11 -6.61
N9A NAP H . 8.69 -26.25 -7.40
C8A NAP H . 8.32 -25.49 -8.50
N7A NAP H . 7.12 -25.95 -8.96
C5A NAP H . 6.73 -26.98 -8.17
C6A NAP H . 5.60 -27.80 -8.20
N6A NAP H . 4.67 -27.63 -9.13
N1A NAP H . 5.46 -28.78 -7.26
C2A NAP H . 6.43 -28.94 -6.30
N3A NAP H . 7.55 -28.12 -6.26
C4A NAP H . 7.71 -27.17 -7.19
O3 NAP H . 13.28 -20.61 -6.80
PN NAP H . 13.60 -19.70 -5.52
O1N NAP H . 14.25 -20.50 -4.44
O2N NAP H . 14.25 -18.45 -5.98
O5D NAP H . 12.09 -19.37 -5.12
C5D NAP H . 11.37 -19.92 -4.05
C4D NAP H . 10.28 -18.90 -3.70
O4D NAP H . 10.85 -17.62 -3.49
C3D NAP H . 9.25 -18.72 -4.81
O3D NAP H . 8.00 -18.61 -4.15
C2D NAP H . 9.63 -17.42 -5.49
O2D NAP H . 8.54 -16.74 -6.12
C1D NAP H . 10.13 -16.68 -4.27
N1N NAP H . 10.96 -15.51 -4.61
C2N NAP H . 12.03 -15.59 -5.45
C3N NAP H . 12.76 -14.42 -5.71
C7N NAP H . 14.12 -14.46 -6.33
O7N NAP H . 14.73 -13.21 -6.53
N7N NAP H . 14.72 -15.60 -6.67
C4N NAP H . 12.39 -13.20 -5.13
C5N NAP H . 11.29 -13.13 -4.30
C6N NAP H . 10.58 -14.31 -4.05
P2B NAP H . 11.16 -28.92 -8.51
O1X NAP H . 12.01 -30.12 -8.16
O2X NAP H . 9.73 -29.35 -8.41
O3X NAP H . 11.47 -28.46 -9.91
#